data_4LG1
#
_entry.id   4LG1
#
_cell.length_a   47.783
_cell.length_b   100.052
_cell.length_c   96.193
_cell.angle_alpha   90.00
_cell.angle_beta   101.25
_cell.angle_gamma   90.00
#
_symmetry.space_group_name_H-M   'P 1 21 1'
#
loop_
_entity.id
_entity.type
_entity.pdbx_description
1 polymer 'Protein-lysine methyltransferase METTL21D'
2 non-polymer S-ADENOSYLMETHIONINE
3 non-polymer 1,2-ETHANEDIOL
4 non-polymer 'UNKNOWN ATOM OR ION'
5 water water
#
_entity_poly.entity_id   1
_entity_poly.type   'polypeptide(L)'
_entity_poly.pdbx_seq_one_letter_code
;GSSLEDPLRSFVRVLEKRDGTVLRLQQYSSGGVGCVVWDAAIVLSKYLETPEFSGDGAHALSRRSVLELGSGTGAVGLMA
ATLGADVVVTDLEELQDLLKMNINMNKHLVTGSVQAKVLKWGEEIEGFPSPPDFILMADCIYYEESLEPLLKTLKDISGF
ETCIICCYEQRTMGKNPEIEKKYFELLQLDFDFEKIPLEKHDEEYRSEDIHIIYIRKKKSKFPS
;
_entity_poly.pdbx_strand_id   A,B,C
#
loop_
_chem_comp.id
_chem_comp.type
_chem_comp.name
_chem_comp.formula
EDO non-polymer 1,2-ETHANEDIOL 'C2 H6 O2'
SAM non-polymer S-ADENOSYLMETHIONINE 'C15 H22 N6 O5 S'
UNX non-polymer 'UNKNOWN ATOM OR ION' ?
#
# COMPACT_ATOMS: atom_id res chain seq x y z
N ASP A 6 -36.27 11.14 14.78
CA ASP A 6 -35.66 11.84 13.61
C ASP A 6 -36.69 11.95 12.49
N PRO A 7 -36.86 13.15 11.90
CA PRO A 7 -37.84 13.31 10.81
C PRO A 7 -37.51 12.49 9.54
N LEU A 8 -36.21 12.27 9.31
CA LEU A 8 -35.74 11.56 8.12
C LEU A 8 -35.93 10.05 8.15
N ARG A 9 -36.28 9.51 9.32
CA ARG A 9 -36.41 8.06 9.44
C ARG A 9 -37.49 7.46 8.51
N SER A 10 -38.48 8.26 8.13
CA SER A 10 -39.56 7.77 7.27
C SER A 10 -39.10 7.66 5.81
N PHE A 11 -37.95 8.24 5.47
CA PHE A 11 -37.43 8.15 4.09
C PHE A 11 -36.43 7.01 3.88
N VAL A 12 -36.34 6.11 4.84
CA VAL A 12 -35.49 4.93 4.73
C VAL A 12 -36.20 3.82 3.96
N ARG A 13 -35.49 3.20 3.01
CA ARG A 13 -36.00 2.04 2.32
C ARG A 13 -35.29 0.81 2.86
N VAL A 14 -36.05 -0.19 3.28
CA VAL A 14 -35.46 -1.42 3.77
C VAL A 14 -35.38 -2.50 2.68
N LEU A 15 -34.28 -3.25 2.70
CA LEU A 15 -34.09 -4.37 1.79
C LEU A 15 -33.68 -5.58 2.62
N GLU A 16 -34.56 -6.57 2.66
CA GLU A 16 -34.36 -7.79 3.42
C GLU A 16 -33.35 -8.71 2.71
N LYS A 17 -32.44 -9.27 3.50
CA LYS A 17 -31.47 -10.26 3.03
C LYS A 17 -32.02 -11.66 3.27
N ARG A 18 -31.53 -12.64 2.51
CA ARG A 18 -31.98 -14.03 2.68
C ARG A 18 -31.81 -14.56 4.08
N ASP A 19 -30.79 -14.09 4.79
CA ASP A 19 -30.52 -14.60 6.13
C ASP A 19 -31.39 -13.92 7.20
N GLY A 20 -32.36 -13.12 6.79
CA GLY A 20 -33.27 -12.47 7.73
C GLY A 20 -32.85 -11.09 8.18
N THR A 21 -31.57 -10.74 8.08
CA THR A 21 -31.12 -9.39 8.40
C THR A 21 -31.66 -8.41 7.36
N VAL A 22 -31.58 -7.12 7.65
CA VAL A 22 -32.15 -6.11 6.77
CA VAL A 22 -32.18 -6.07 6.86
C VAL A 22 -31.19 -4.95 6.58
N LEU A 23 -30.98 -4.63 5.31
CA LEU A 23 -30.28 -3.44 4.90
C LEU A 23 -31.26 -2.27 5.01
N ARG A 24 -30.76 -1.15 5.50
CA ARG A 24 -31.56 0.06 5.66
CA ARG A 24 -31.56 0.06 5.66
C ARG A 24 -30.87 1.18 4.90
N LEU A 25 -31.56 1.69 3.88
CA LEU A 25 -31.00 2.68 3.00
C LEU A 25 -31.76 3.99 3.13
N GLN A 26 -31.07 4.98 3.66
CA GLN A 26 -31.56 6.35 3.66
C GLN A 26 -31.54 6.86 2.24
N GLN A 27 -32.59 7.59 1.88
CA GLN A 27 -32.73 8.13 0.54
C GLN A 27 -32.57 9.65 0.49
N TYR A 28 -32.39 10.28 1.65
CA TYR A 28 -32.06 11.71 1.71
C TYR A 28 -31.11 11.98 2.86
N SER A 29 -30.19 12.92 2.67
CA SER A 29 -29.36 13.36 3.76
C SER A 29 -28.96 14.83 3.63
N SER A 30 -28.08 15.24 4.55
CA SER A 30 -27.23 16.42 4.40
C SER A 30 -28.07 17.66 4.19
N GLY A 31 -27.52 18.63 3.47
CA GLY A 31 -28.32 19.68 2.83
C GLY A 31 -28.26 19.42 1.34
N GLY A 32 -28.52 18.17 0.97
CA GLY A 32 -28.15 17.68 -0.35
C GLY A 32 -29.29 17.15 -1.20
N VAL A 33 -29.25 15.85 -1.47
CA VAL A 33 -30.06 15.27 -2.52
C VAL A 33 -30.82 14.05 -2.05
N GLY A 34 -31.94 13.81 -2.71
CA GLY A 34 -32.69 12.60 -2.54
C GLY A 34 -32.21 11.65 -3.62
N CYS A 35 -32.19 10.36 -3.31
CA CYS A 35 -31.91 9.34 -4.32
C CYS A 35 -32.74 8.15 -3.98
N VAL A 36 -33.59 7.67 -4.88
CA VAL A 36 -34.40 6.52 -4.51
C VAL A 36 -33.56 5.25 -4.62
N VAL A 37 -33.96 4.21 -3.88
CA VAL A 37 -33.51 2.86 -4.17
C VAL A 37 -34.33 2.37 -5.37
N TRP A 38 -33.72 2.35 -6.54
CA TRP A 38 -34.45 1.94 -7.75
C TRP A 38 -34.80 0.45 -7.76
N ASP A 39 -35.87 0.09 -8.46
CA ASP A 39 -36.22 -1.33 -8.57
C ASP A 39 -35.08 -2.16 -9.16
N ALA A 40 -34.33 -1.60 -10.09
CA ALA A 40 -33.19 -2.33 -10.67
C ALA A 40 -32.12 -2.68 -9.62
N ALA A 41 -31.88 -1.78 -8.67
CA ALA A 41 -30.91 -2.05 -7.59
C ALA A 41 -31.41 -3.18 -6.70
N ILE A 42 -32.70 -3.22 -6.43
CA ILE A 42 -33.27 -4.29 -5.65
C ILE A 42 -33.13 -5.64 -6.35
N VAL A 43 -33.44 -5.67 -7.65
CA VAL A 43 -33.30 -6.90 -8.43
C VAL A 43 -31.82 -7.37 -8.42
N LEU A 44 -30.90 -6.46 -8.73
CA LEU A 44 -29.48 -6.84 -8.74
C LEU A 44 -29.00 -7.31 -7.38
N SER A 45 -29.32 -6.52 -6.35
CA SER A 45 -28.97 -6.91 -4.97
C SER A 45 -29.44 -8.32 -4.60
N LYS A 46 -30.71 -8.60 -4.88
CA LYS A 46 -31.25 -9.90 -4.58
C LYS A 46 -30.67 -11.00 -5.47
N TYR A 47 -30.28 -10.66 -6.68
CA TYR A 47 -29.65 -11.63 -7.57
C TYR A 47 -28.33 -12.12 -6.97
N LEU A 48 -27.60 -11.22 -6.31
CA LEU A 48 -26.31 -11.57 -5.72
C LEU A 48 -26.43 -12.62 -4.61
N GLU A 49 -27.62 -12.70 -3.99
CA GLU A 49 -27.89 -13.66 -2.94
C GLU A 49 -28.48 -14.98 -3.41
N THR A 50 -28.81 -15.12 -4.68
CA THR A 50 -29.34 -16.37 -5.21
C THR A 50 -28.31 -17.50 -5.04
N PRO A 51 -28.81 -18.72 -4.74
CA PRO A 51 -27.90 -19.86 -4.58
C PRO A 51 -26.96 -20.04 -5.75
N GLU A 52 -27.50 -19.92 -6.97
CA GLU A 52 -26.72 -20.17 -8.16
C GLU A 52 -25.60 -19.14 -8.37
N PHE A 53 -25.88 -17.86 -8.13
CA PHE A 53 -24.80 -16.85 -8.16
C PHE A 53 -23.80 -17.06 -7.00
N SER A 54 -24.33 -17.35 -5.82
CA SER A 54 -23.52 -17.53 -4.62
C SER A 54 -22.51 -18.67 -4.75
N GLY A 55 -22.92 -19.76 -5.38
CA GLY A 55 -22.11 -20.99 -5.42
C GLY A 55 -22.11 -21.74 -4.11
N ASP A 56 -21.41 -22.86 -4.07
CA ASP A 56 -21.15 -23.63 -2.85
C ASP A 56 -19.99 -22.97 -2.09
N GLY A 57 -19.78 -23.42 -0.86
CA GLY A 57 -18.66 -22.93 -0.06
C GLY A 57 -18.79 -21.43 0.14
N ALA A 58 -17.66 -20.73 0.22
CA ALA A 58 -17.64 -19.27 0.34
C ALA A 58 -18.40 -18.62 -0.82
N HIS A 59 -19.19 -17.61 -0.50
CA HIS A 59 -19.93 -16.87 -1.53
C HIS A 59 -18.98 -16.37 -2.64
N ALA A 60 -19.47 -16.39 -3.88
CA ALA A 60 -18.71 -15.90 -5.04
C ALA A 60 -18.02 -14.56 -4.85
N LEU A 61 -18.65 -13.66 -4.07
CA LEU A 61 -18.09 -12.30 -3.84
C LEU A 61 -17.12 -12.20 -2.65
N SER A 62 -17.01 -13.25 -1.85
CA SER A 62 -16.16 -13.22 -0.67
C SER A 62 -14.69 -12.99 -1.08
N ARG A 63 -14.06 -11.99 -0.47
CA ARG A 63 -12.69 -11.57 -0.77
C ARG A 63 -12.41 -11.08 -2.18
N ARG A 64 -13.47 -10.79 -2.95
CA ARG A 64 -13.35 -10.20 -4.26
C ARG A 64 -13.46 -8.69 -4.24
N SER A 65 -12.76 -8.01 -5.15
CA SER A 65 -12.85 -6.57 -5.29
C SER A 65 -14.05 -6.21 -6.18
N VAL A 66 -14.85 -5.27 -5.70
CA VAL A 66 -16.07 -4.85 -6.36
C VAL A 66 -16.10 -3.34 -6.43
N LEU A 67 -16.33 -2.81 -7.62
CA LEU A 67 -16.55 -1.40 -7.84
C LEU A 67 -17.98 -1.22 -8.32
N GLU A 68 -18.73 -0.34 -7.67
CA GLU A 68 -20.04 0.03 -8.18
C GLU A 68 -19.99 1.41 -8.80
N LEU A 69 -20.49 1.53 -10.03
CA LEU A 69 -20.70 2.82 -10.68
C LEU A 69 -22.13 3.29 -10.49
N GLY A 70 -22.29 4.62 -10.38
CA GLY A 70 -23.60 5.19 -10.12
C GLY A 70 -24.35 4.57 -8.96
N SER A 71 -23.66 4.38 -7.84
CA SER A 71 -24.22 3.69 -6.65
C SER A 71 -25.47 4.30 -6.01
N GLY A 72 -25.58 5.62 -6.11
CA GLY A 72 -26.76 6.33 -5.55
C GLY A 72 -26.83 6.18 -4.05
N THR A 73 -27.77 5.37 -3.56
CA THR A 73 -27.86 5.09 -2.15
C THR A 73 -26.75 4.15 -1.69
N GLY A 74 -26.15 3.43 -2.63
CA GLY A 74 -25.15 2.41 -2.35
C GLY A 74 -25.74 1.02 -2.17
N ALA A 75 -27.04 0.87 -2.39
CA ALA A 75 -27.72 -0.38 -2.16
C ALA A 75 -26.94 -1.61 -2.65
N VAL A 76 -26.58 -1.64 -3.92
CA VAL A 76 -25.99 -2.86 -4.49
C VAL A 76 -24.61 -3.13 -3.90
N GLY A 77 -23.78 -2.09 -3.84
CA GLY A 77 -22.45 -2.24 -3.30
C GLY A 77 -22.48 -2.63 -1.83
N LEU A 78 -23.45 -2.09 -1.10
CA LEU A 78 -23.63 -2.52 0.30
C LEU A 78 -24.05 -3.97 0.41
N MET A 79 -24.95 -4.43 -0.45
CA MET A 79 -25.27 -5.86 -0.47
C MET A 79 -24.00 -6.70 -0.70
N ALA A 80 -23.19 -6.30 -1.67
CA ALA A 80 -21.96 -7.04 -1.96
C ALA A 80 -21.02 -7.08 -0.74
N ALA A 81 -20.92 -5.98 -0.01
CA ALA A 81 -20.10 -5.88 1.20
C ALA A 81 -20.58 -6.79 2.33
N THR A 82 -21.89 -7.03 2.40
CA THR A 82 -22.45 -7.97 3.36
C THR A 82 -22.26 -9.41 2.93
N LEU A 83 -21.75 -9.62 1.72
CA LEU A 83 -21.50 -10.94 1.21
C LEU A 83 -20.01 -11.24 1.15
N GLY A 84 -19.19 -10.34 1.68
CA GLY A 84 -17.75 -10.58 1.86
C GLY A 84 -16.81 -9.87 0.91
N ALA A 85 -17.37 -9.05 0.03
CA ALA A 85 -16.58 -8.32 -0.95
C ALA A 85 -15.93 -7.09 -0.35
N ASP A 86 -14.82 -6.70 -0.98
CA ASP A 86 -14.18 -5.43 -0.72
C ASP A 86 -14.66 -4.44 -1.77
N VAL A 87 -15.55 -3.56 -1.34
CA VAL A 87 -16.34 -2.76 -2.24
C VAL A 87 -15.93 -1.30 -2.21
N VAL A 88 -15.89 -0.71 -3.38
CA VAL A 88 -15.88 0.73 -3.53
C VAL A 88 -17.19 1.16 -4.18
N VAL A 89 -18.00 1.95 -3.46
CA VAL A 89 -19.23 2.54 -4.02
C VAL A 89 -18.87 3.92 -4.50
N THR A 90 -19.25 4.22 -5.74
CA THR A 90 -18.91 5.50 -6.37
C THR A 90 -20.13 6.15 -7.02
N ASP A 91 -20.04 7.49 -7.10
CA ASP A 91 -21.05 8.31 -7.71
C ASP A 91 -20.47 9.73 -7.77
N LEU A 92 -21.33 10.70 -8.06
CA LEU A 92 -20.94 12.11 -8.07
C LEU A 92 -20.61 12.62 -6.67
N GLU A 93 -19.86 13.72 -6.61
CA GLU A 93 -19.60 14.43 -5.36
C GLU A 93 -20.87 14.57 -4.51
N GLU A 94 -21.95 14.95 -5.18
CA GLU A 94 -23.24 15.24 -4.53
C GLU A 94 -23.86 14.08 -3.76
N LEU A 95 -23.48 12.84 -4.08
CA LEU A 95 -24.02 11.66 -3.41
C LEU A 95 -23.12 11.09 -2.32
N GLN A 96 -21.95 11.68 -2.09
CA GLN A 96 -20.98 11.10 -1.15
C GLN A 96 -21.50 11.06 0.28
N ASP A 97 -22.20 12.12 0.70
CA ASP A 97 -22.73 12.18 2.06
C ASP A 97 -23.74 11.08 2.29
N LEU A 98 -24.59 10.83 1.28
CA LEU A 98 -25.61 9.79 1.38
C LEU A 98 -24.96 8.40 1.45
N LEU A 99 -23.95 8.19 0.62
CA LEU A 99 -23.23 6.90 0.61
C LEU A 99 -22.58 6.60 1.96
N LYS A 100 -21.94 7.61 2.51
CA LYS A 100 -21.31 7.47 3.83
C LYS A 100 -22.33 7.23 4.93
N MET A 101 -23.49 7.88 4.85
CA MET A 101 -24.54 7.64 5.81
C MET A 101 -25.00 6.21 5.74
N ASN A 102 -25.18 5.70 4.52
CA ASN A 102 -25.69 4.35 4.38
C ASN A 102 -24.67 3.28 4.78
N ILE A 103 -23.39 3.58 4.63
CA ILE A 103 -22.31 2.70 5.16
C ILE A 103 -22.48 2.61 6.69
N ASN A 104 -22.63 3.78 7.30
CA ASN A 104 -22.80 3.86 8.76
C ASN A 104 -24.07 3.24 9.31
N MET A 105 -25.13 3.21 8.52
CA MET A 105 -26.35 2.56 8.91
C MET A 105 -26.29 1.03 8.81
N ASN A 106 -25.31 0.52 8.07
CA ASN A 106 -25.25 -0.91 7.78
C ASN A 106 -23.93 -1.56 8.17
N LYS A 107 -23.19 -0.87 9.04
CA LYS A 107 -21.82 -1.25 9.42
C LYS A 107 -21.76 -2.65 9.99
N HIS A 108 -22.76 -3.01 10.77
CA HIS A 108 -22.84 -4.30 11.41
C HIS A 108 -23.09 -5.48 10.49
N LEU A 109 -23.49 -5.21 9.25
CA LEU A 109 -23.77 -6.29 8.30
C LEU A 109 -22.63 -6.53 7.32
N VAL A 110 -21.68 -5.60 7.26
CA VAL A 110 -20.55 -5.70 6.34
C VAL A 110 -19.59 -6.78 6.83
N THR A 111 -19.34 -7.76 5.97
CA THR A 111 -18.37 -8.83 6.29
C THR A 111 -17.07 -8.69 5.50
N GLY A 112 -17.10 -7.91 4.43
CA GLY A 112 -15.91 -7.57 3.70
C GLY A 112 -15.48 -6.17 4.07
N SER A 113 -15.55 -5.25 3.12
CA SER A 113 -15.28 -3.85 3.38
C SER A 113 -16.04 -2.96 2.42
N VAL A 114 -16.25 -1.71 2.81
CA VAL A 114 -16.86 -0.77 1.90
C VAL A 114 -16.35 0.63 2.17
N GLN A 115 -16.12 1.35 1.09
CA GLN A 115 -15.79 2.77 1.16
C GLN A 115 -16.43 3.49 -0.02
N ALA A 116 -16.73 4.77 0.18
CA ALA A 116 -17.29 5.64 -0.85
C ALA A 116 -16.19 6.46 -1.51
N LYS A 117 -16.25 6.59 -2.84
CA LYS A 117 -15.41 7.54 -3.59
C LYS A 117 -16.16 8.26 -4.69
N VAL A 118 -15.61 9.39 -5.11
CA VAL A 118 -16.17 10.13 -6.22
C VAL A 118 -15.62 9.52 -7.49
N LEU A 119 -16.51 9.22 -8.44
CA LEU A 119 -16.07 8.81 -9.76
C LEU A 119 -17.08 9.34 -10.76
N LYS A 120 -16.72 10.43 -11.42
CA LYS A 120 -17.57 11.02 -12.43
C LYS A 120 -17.22 10.38 -13.76
N TRP A 121 -18.23 9.89 -14.47
CA TRP A 121 -17.99 9.05 -15.65
C TRP A 121 -17.27 9.87 -16.69
N GLY A 122 -16.25 9.26 -17.29
CA GLY A 122 -15.49 9.90 -18.36
C GLY A 122 -14.26 10.67 -17.92
N GLU A 123 -14.18 11.02 -16.63
CA GLU A 123 -13.06 11.80 -16.11
C GLU A 123 -11.86 10.89 -15.86
N GLU A 124 -10.67 11.48 -15.77
CA GLU A 124 -9.45 10.70 -15.51
C GLU A 124 -9.53 9.95 -14.18
N ILE A 125 -8.98 8.73 -14.16
CA ILE A 125 -8.98 7.88 -12.97
C ILE A 125 -7.69 8.08 -12.16
N GLU A 126 -7.79 7.87 -10.84
CA GLU A 126 -6.67 8.08 -9.91
C GLU A 126 -5.35 7.49 -10.42
N PHE A 128 -7.88 4.34 -8.72
CA PHE A 128 -8.33 2.98 -8.98
C PHE A 128 -7.51 2.32 -10.10
N PRO A 129 -6.21 2.09 -9.87
CA PRO A 129 -5.32 1.55 -10.92
C PRO A 129 -5.50 0.04 -11.17
N SER A 130 -5.63 -0.75 -10.12
CA SER A 130 -5.75 -2.20 -10.27
C SER A 130 -7.18 -2.60 -10.63
N PRO A 131 -7.35 -3.49 -11.64
CA PRO A 131 -8.70 -3.77 -12.13
C PRO A 131 -9.50 -4.63 -11.16
N PRO A 132 -10.76 -4.24 -10.89
CA PRO A 132 -11.56 -5.00 -9.95
C PRO A 132 -12.01 -6.36 -10.49
N ASP A 133 -12.37 -7.27 -9.60
CA ASP A 133 -12.91 -8.56 -9.99
C ASP A 133 -14.32 -8.40 -10.62
N PHE A 134 -15.08 -7.46 -10.07
CA PHE A 134 -16.45 -7.16 -10.51
C PHE A 134 -16.67 -5.67 -10.61
N ILE A 135 -17.44 -5.26 -11.62
CA ILE A 135 -18.02 -3.94 -11.66
C ILE A 135 -19.52 -4.15 -11.69
N LEU A 136 -20.26 -3.42 -10.84
CA LEU A 136 -21.71 -3.57 -10.76
C LEU A 136 -22.35 -2.26 -11.11
N MET A 137 -23.45 -2.32 -11.86
CA MET A 137 -24.18 -1.13 -12.25
C MET A 137 -25.66 -1.45 -12.21
N ALA A 138 -26.43 -0.56 -11.58
CA ALA A 138 -27.89 -0.66 -11.55
C ALA A 138 -28.51 0.65 -12.05
N ASP A 139 -29.36 0.54 -13.07
CA ASP A 139 -30.04 1.68 -13.70
C ASP A 139 -29.12 2.82 -14.09
N CYS A 140 -27.99 2.51 -14.72
CA CYS A 140 -27.04 3.53 -15.17
C CYS A 140 -27.16 3.88 -16.67
N ILE A 141 -28.19 3.38 -17.32
N ILE A 141 -28.23 3.46 -17.33
CA ILE A 141 -28.36 3.57 -18.74
CA ILE A 141 -28.24 3.43 -18.80
C ILE A 141 -29.66 4.32 -18.95
C ILE A 141 -28.87 4.61 -19.56
N TYR A 142 -29.55 5.64 -18.97
N TYR A 142 -29.73 5.39 -18.90
CA TYR A 142 -30.73 6.47 -19.14
CA TYR A 142 -30.65 6.27 -19.63
C TYR A 142 -30.47 7.85 -19.74
C TYR A 142 -30.42 7.80 -19.62
N TYR A 143 -29.22 8.22 -20.01
CA TYR A 143 -28.98 9.57 -20.63
C TYR A 143 -27.59 9.71 -21.28
N GLU A 144 -27.36 10.83 -21.97
CA GLU A 144 -26.09 11.09 -22.70
C GLU A 144 -24.81 10.59 -22.01
N GLU A 145 -24.63 10.90 -20.73
CA GLU A 145 -23.46 10.45 -19.97
C GLU A 145 -23.35 8.92 -19.88
N SER A 146 -24.51 8.24 -19.88
CA SER A 146 -24.55 6.75 -19.84
C SER A 146 -23.96 6.14 -21.10
N LEU A 147 -23.70 6.98 -22.10
CA LEU A 147 -23.13 6.49 -23.32
C LEU A 147 -21.61 6.69 -23.24
N GLU A 148 -21.06 7.59 -24.05
CA GLU A 148 -19.62 7.61 -24.25
C GLU A 148 -18.80 7.75 -22.96
N PRO A 149 -19.14 8.71 -22.08
CA PRO A 149 -18.39 8.79 -20.81
C PRO A 149 -18.47 7.56 -19.92
N LEU A 150 -19.65 6.97 -19.75
CA LEU A 150 -19.77 5.72 -18.97
C LEU A 150 -18.96 4.63 -19.63
N LEU A 151 -19.07 4.48 -20.94
CA LEU A 151 -18.32 3.45 -21.66
C LEU A 151 -16.80 3.64 -21.57
N LYS A 152 -16.33 4.88 -21.61
CA LYS A 152 -14.90 5.16 -21.40
C LYS A 152 -14.43 4.73 -20.02
N THR A 153 -15.23 5.05 -19.00
CA THR A 153 -14.89 4.65 -17.65
C THR A 153 -14.82 3.13 -17.55
N LEU A 154 -15.80 2.44 -18.13
CA LEU A 154 -15.80 0.98 -18.08
C LEU A 154 -14.56 0.39 -18.73
N LYS A 155 -14.15 0.96 -19.87
CA LYS A 155 -13.00 0.47 -20.62
C LYS A 155 -11.72 0.72 -19.85
N ASP A 156 -11.61 1.90 -19.24
CA ASP A 156 -10.39 2.28 -18.56
C ASP A 156 -10.16 1.50 -17.27
N ILE A 157 -11.26 1.16 -16.58
CA ILE A 157 -11.19 0.53 -15.26
CA ILE A 157 -11.14 0.53 -15.27
C ILE A 157 -11.11 -0.99 -15.35
N SER A 158 -11.88 -1.58 -16.26
CA SER A 158 -11.97 -3.03 -16.34
C SER A 158 -10.70 -3.67 -16.89
N GLY A 159 -10.38 -4.85 -16.36
CA GLY A 159 -9.38 -5.74 -16.92
C GLY A 159 -10.07 -6.82 -17.72
N PHE A 160 -9.30 -7.70 -18.33
CA PHE A 160 -9.89 -8.74 -19.16
C PHE A 160 -10.54 -9.84 -18.36
N GLU A 161 -10.27 -9.90 -17.04
CA GLU A 161 -10.91 -10.84 -16.13
C GLU A 161 -12.04 -10.19 -15.31
N THR A 162 -12.26 -8.90 -15.49
CA THR A 162 -13.32 -8.22 -14.74
C THR A 162 -14.69 -8.74 -15.20
N CYS A 163 -15.50 -9.15 -14.23
CA CYS A 163 -16.89 -9.50 -14.49
C CYS A 163 -17.76 -8.27 -14.26
N ILE A 164 -18.33 -7.73 -15.33
CA ILE A 164 -19.17 -6.54 -15.25
C ILE A 164 -20.63 -6.98 -15.28
N ILE A 165 -21.43 -6.56 -14.29
CA ILE A 165 -22.83 -6.93 -14.26
C ILE A 165 -23.67 -5.65 -14.26
N CYS A 166 -24.54 -5.55 -15.26
CA CYS A 166 -25.29 -4.34 -15.51
C CYS A 166 -26.76 -4.70 -15.39
N CYS A 167 -27.50 -4.02 -14.51
CA CYS A 167 -28.93 -4.29 -14.37
C CYS A 167 -29.68 -3.00 -14.65
N TYR A 168 -30.75 -3.06 -15.44
CA TYR A 168 -31.53 -1.85 -15.73
C TYR A 168 -32.97 -2.21 -15.97
N GLU A 169 -33.84 -1.24 -15.72
CA GLU A 169 -35.25 -1.37 -16.01
C GLU A 169 -35.48 -0.74 -17.39
N GLN A 170 -36.12 -1.49 -18.28
CA GLN A 170 -36.41 -0.99 -19.61
C GLN A 170 -37.52 0.05 -19.54
N ARG A 171 -37.24 1.19 -20.17
CA ARG A 171 -38.19 2.29 -20.24
CA ARG A 171 -38.22 2.26 -20.24
C ARG A 171 -38.56 2.54 -21.69
N THR A 172 -39.87 2.66 -21.95
CA THR A 172 -40.38 2.77 -23.31
C THR A 172 -40.77 4.21 -23.67
N MET A 173 -40.67 5.08 -22.68
CA MET A 173 -41.16 6.45 -22.76
C MET A 173 -40.08 7.37 -23.35
N GLY A 174 -40.46 8.17 -24.34
CA GLY A 174 -39.59 9.22 -24.86
C GLY A 174 -38.44 8.77 -25.74
N LYS A 175 -37.24 9.32 -25.48
CA LYS A 175 -36.02 8.94 -26.20
C LYS A 175 -35.31 7.73 -25.58
N ASN A 176 -35.84 7.23 -24.47
CA ASN A 176 -35.23 6.11 -23.75
C ASN A 176 -34.98 4.86 -24.60
N PRO A 177 -35.93 4.48 -25.47
CA PRO A 177 -35.64 3.30 -26.31
C PRO A 177 -34.42 3.49 -27.24
N GLU A 178 -34.24 4.71 -27.77
CA GLU A 178 -33.09 5.03 -28.62
C GLU A 178 -31.79 5.11 -27.82
N ILE A 179 -31.86 5.60 -26.59
CA ILE A 179 -30.68 5.64 -25.71
C ILE A 179 -30.23 4.22 -25.34
N GLU A 180 -31.19 3.35 -25.03
CA GLU A 180 -30.92 1.96 -24.66
C GLU A 180 -30.27 1.22 -25.84
N LYS A 181 -30.88 1.35 -27.01
CA LYS A 181 -30.33 0.72 -28.21
C LYS A 181 -28.88 1.16 -28.41
N LYS A 182 -28.65 2.46 -28.34
CA LYS A 182 -27.31 2.99 -28.57
C LYS A 182 -26.29 2.51 -27.53
N TYR A 183 -26.72 2.41 -26.26
CA TYR A 183 -25.82 1.90 -25.25
C TYR A 183 -25.28 0.56 -25.67
N PHE A 184 -26.16 -0.35 -26.05
CA PHE A 184 -25.73 -1.70 -26.37
C PHE A 184 -25.00 -1.78 -27.71
N GLU A 185 -25.35 -0.94 -28.65
CA GLU A 185 -24.67 -0.90 -29.97
C GLU A 185 -23.22 -0.46 -29.79
N LEU A 186 -23.01 0.52 -28.93
CA LEU A 186 -21.65 0.98 -28.66
C LEU A 186 -20.90 0.07 -27.70
N LEU A 187 -21.61 -0.57 -26.78
CA LEU A 187 -20.96 -1.44 -25.81
C LEU A 187 -20.24 -2.58 -26.52
N GLN A 188 -20.89 -3.15 -27.54
CA GLN A 188 -20.33 -4.30 -28.27
C GLN A 188 -19.01 -4.01 -29.01
N LEU A 189 -18.64 -2.74 -29.16
CA LEU A 189 -17.39 -2.40 -29.82
C LEU A 189 -16.18 -2.74 -28.96
N ASP A 190 -16.34 -2.67 -27.64
CA ASP A 190 -15.24 -2.97 -26.73
C ASP A 190 -15.52 -4.11 -25.76
N PHE A 191 -16.75 -4.63 -25.75
CA PHE A 191 -17.17 -5.66 -24.82
C PHE A 191 -18.05 -6.71 -25.49
N ASP A 192 -17.97 -7.94 -24.97
CA ASP A 192 -18.95 -8.97 -25.23
C ASP A 192 -19.98 -8.94 -24.12
N PHE A 193 -21.22 -9.31 -24.44
CA PHE A 193 -22.25 -9.33 -23.41
C PHE A 193 -23.31 -10.37 -23.67
N GLU A 194 -23.99 -10.73 -22.61
CA GLU A 194 -25.10 -11.65 -22.69
CA GLU A 194 -25.07 -11.70 -22.65
C GLU A 194 -26.10 -11.34 -21.59
N LYS A 195 -27.37 -11.29 -21.99
CA LYS A 195 -28.47 -11.14 -21.05
C LYS A 195 -28.69 -12.47 -20.35
N ILE A 196 -28.85 -12.46 -19.04
CA ILE A 196 -29.15 -13.70 -18.35
C ILE A 196 -30.68 -13.91 -18.36
N PRO A 197 -31.11 -15.18 -18.24
CA PRO A 197 -32.56 -15.42 -18.22
C PRO A 197 -33.21 -14.93 -16.94
N LEU A 198 -34.43 -14.42 -17.08
CA LEU A 198 -35.27 -14.09 -15.93
C LEU A 198 -35.30 -15.17 -14.86
N GLU A 199 -35.25 -16.43 -15.30
CA GLU A 199 -35.33 -17.55 -14.40
C GLU A 199 -34.15 -17.66 -13.43
N LYS A 200 -33.06 -16.93 -13.70
CA LYS A 200 -31.93 -16.89 -12.80
C LYS A 200 -32.05 -15.78 -11.76
N HIS A 201 -33.04 -14.90 -11.92
CA HIS A 201 -33.21 -13.82 -10.94
C HIS A 201 -33.88 -14.40 -9.70
N ASP A 202 -33.84 -13.65 -8.60
CA ASP A 202 -34.56 -14.03 -7.40
C ASP A 202 -36.03 -14.29 -7.76
N GLU A 203 -36.61 -15.35 -7.20
CA GLU A 203 -37.97 -15.76 -7.59
C GLU A 203 -39.02 -14.71 -7.31
N GLU A 204 -38.85 -13.95 -6.23
CA GLU A 204 -39.78 -12.87 -5.90
C GLU A 204 -39.38 -11.53 -6.53
N TYR A 205 -38.13 -11.16 -6.31
CA TYR A 205 -37.65 -9.84 -6.69
C TYR A 205 -37.13 -9.87 -8.11
N ARG A 206 -38.07 -9.95 -9.04
CA ARG A 206 -37.79 -9.99 -10.46
C ARG A 206 -38.95 -9.32 -11.22
N SER A 207 -38.67 -9.00 -12.46
CA SER A 207 -39.65 -8.37 -13.33
C SER A 207 -39.25 -8.66 -14.77
N GLU A 208 -40.23 -8.87 -15.65
CA GLU A 208 -39.95 -9.05 -17.08
C GLU A 208 -39.31 -7.82 -17.73
N ASP A 209 -39.44 -6.65 -17.12
CA ASP A 209 -38.90 -5.41 -17.67
C ASP A 209 -37.57 -5.00 -16.99
N ILE A 210 -37.07 -5.84 -16.10
CA ILE A 210 -35.76 -5.61 -15.47
C ILE A 210 -34.78 -6.69 -15.86
N HIS A 211 -33.69 -6.27 -16.52
CA HIS A 211 -32.73 -7.16 -17.17
C HIS A 211 -31.37 -7.11 -16.49
N ILE A 212 -30.71 -8.25 -16.41
CA ILE A 212 -29.35 -8.40 -15.93
C ILE A 212 -28.47 -8.87 -17.08
N ILE A 213 -27.42 -8.09 -17.35
CA ILE A 213 -26.51 -8.31 -18.48
C ILE A 213 -25.12 -8.56 -17.93
N TYR A 214 -24.51 -9.68 -18.31
CA TYR A 214 -23.09 -9.94 -18.05
C TYR A 214 -22.24 -9.38 -19.20
N ILE A 215 -21.17 -8.68 -18.82
CA ILE A 215 -20.33 -7.96 -19.76
C ILE A 215 -18.85 -8.27 -19.49
N ARG A 216 -18.07 -8.49 -20.56
CA ARG A 216 -16.63 -8.79 -20.42
C ARG A 216 -15.86 -8.01 -21.48
N LYS A 217 -14.71 -7.49 -21.11
CA LYS A 217 -13.91 -6.69 -22.04
C LYS A 217 -13.39 -7.60 -23.17
N LYS A 218 -13.47 -7.11 -24.40
CA LYS A 218 -12.99 -7.84 -25.59
C LYS A 218 -11.49 -7.63 -25.68
N LYS A 219 -10.77 -8.66 -26.09
CA LYS A 219 -9.33 -8.55 -26.32
C LYS A 219 -9.04 -8.60 -27.84
N SER A 220 -8.45 -7.56 -28.40
CA SER A 220 -8.04 -7.59 -29.82
C SER A 220 -6.55 -7.90 -29.87
N LYS A 221 -6.16 -8.76 -30.81
CA LYS A 221 -4.77 -9.14 -30.98
C LYS A 221 -3.90 -8.02 -31.54
N PHE A 222 -4.52 -7.00 -32.10
CA PHE A 222 -3.76 -5.99 -32.78
C PHE A 222 -3.93 -4.65 -32.10
N PRO A 223 -2.84 -3.85 -32.03
CA PRO A 223 -2.92 -2.52 -31.42
C PRO A 223 -3.90 -1.60 -32.14
N ARG B 9 9.76 -39.96 -10.98
CA ARG B 9 9.70 -40.77 -9.72
C ARG B 9 11.05 -40.80 -8.99
N SER B 10 12.14 -40.88 -9.74
CA SER B 10 13.48 -41.02 -9.16
C SER B 10 13.90 -39.82 -8.32
N PHE B 11 13.55 -38.60 -8.76
CA PHE B 11 14.03 -37.38 -8.12
C PHE B 11 12.91 -36.56 -7.47
N VAL B 12 11.80 -37.22 -7.14
CA VAL B 12 10.67 -36.56 -6.51
C VAL B 12 10.84 -36.42 -5.00
N ARG B 13 10.64 -35.21 -4.48
CA ARG B 13 10.50 -34.98 -3.05
CA ARG B 13 10.50 -34.98 -3.05
C ARG B 13 9.00 -34.94 -2.73
N VAL B 14 8.58 -35.70 -1.74
CA VAL B 14 7.16 -35.81 -1.38
C VAL B 14 6.95 -34.90 -0.16
N LEU B 15 5.95 -34.04 -0.19
CA LEU B 15 5.63 -33.18 0.96
C LEU B 15 4.14 -33.36 1.30
N GLU B 16 3.87 -33.95 2.47
CA GLU B 16 2.50 -34.26 2.89
C GLU B 16 1.82 -33.02 3.45
N LYS B 17 0.58 -32.78 3.04
CA LYS B 17 -0.26 -31.73 3.59
C LYS B 17 -1.00 -32.22 4.82
N ARG B 18 -1.42 -31.29 5.68
CA ARG B 18 -2.19 -31.65 6.88
C ARG B 18 -3.44 -32.44 6.55
N ASP B 19 -4.05 -32.16 5.41
CA ASP B 19 -5.25 -32.91 5.02
C ASP B 19 -4.97 -34.33 4.51
N GLY B 20 -3.71 -34.75 4.52
CA GLY B 20 -3.34 -36.07 4.02
C GLY B 20 -3.06 -36.21 2.53
N THR B 21 -3.29 -35.17 1.72
CA THR B 21 -2.88 -35.26 0.34
C THR B 21 -1.39 -34.95 0.30
N VAL B 22 -0.77 -35.22 -0.84
CA VAL B 22 0.66 -35.13 -0.96
CA VAL B 22 0.69 -35.08 -0.94
C VAL B 22 1.10 -34.30 -2.17
N LEU B 23 2.00 -33.34 -1.94
CA LEU B 23 2.64 -32.60 -3.01
C LEU B 23 3.83 -33.43 -3.49
N ARG B 24 4.03 -33.50 -4.79
CA ARG B 24 5.15 -34.25 -5.39
C ARG B 24 5.99 -33.30 -6.23
N LEU B 25 7.20 -33.01 -5.76
CA LEU B 25 8.06 -32.04 -6.39
C LEU B 25 9.26 -32.71 -7.09
N GLN B 26 9.23 -32.71 -8.41
CA GLN B 26 10.37 -33.15 -9.22
C GLN B 26 11.51 -32.23 -8.95
N GLN B 27 12.71 -32.78 -8.78
CA GLN B 27 13.87 -31.98 -8.51
C GLN B 27 14.84 -31.93 -9.69
N TYR B 28 14.43 -32.52 -10.80
CA TYR B 28 15.16 -32.51 -12.04
C TYR B 28 14.18 -32.70 -13.18
N SER B 29 14.44 -32.08 -14.32
CA SER B 29 13.73 -32.41 -15.54
C SER B 29 14.69 -32.63 -16.70
N SER B 30 14.32 -33.54 -17.60
CA SER B 30 15.16 -33.97 -18.74
C SER B 30 15.86 -32.82 -19.48
N GLY B 31 17.18 -32.94 -19.59
CA GLY B 31 18.01 -31.95 -20.27
C GLY B 31 18.12 -30.63 -19.55
N GLY B 32 17.51 -30.52 -18.37
CA GLY B 32 17.38 -29.25 -17.69
C GLY B 32 18.29 -29.16 -16.48
N VAL B 33 17.78 -28.53 -15.43
CA VAL B 33 18.55 -28.31 -14.24
C VAL B 33 17.94 -29.08 -13.07
N GLY B 34 18.80 -29.34 -12.10
CA GLY B 34 18.39 -29.86 -10.81
C GLY B 34 18.06 -28.68 -9.91
N CYS B 35 17.14 -28.91 -8.99
CA CYS B 35 16.90 -27.96 -7.92
C CYS B 35 16.32 -28.76 -6.77
N VAL B 36 16.98 -28.75 -5.62
CA VAL B 36 16.46 -29.45 -4.46
C VAL B 36 15.34 -28.60 -3.83
N VAL B 37 14.44 -29.28 -3.11
CA VAL B 37 13.57 -28.63 -2.15
C VAL B 37 14.40 -28.36 -0.91
N TRP B 38 14.69 -27.09 -0.65
CA TRP B 38 15.50 -26.72 0.50
C TRP B 38 14.71 -26.88 1.81
N ASP B 39 15.44 -27.10 2.91
CA ASP B 39 14.80 -27.20 4.22
C ASP B 39 13.93 -25.96 4.53
N ALA B 40 14.41 -24.77 4.20
CA ALA B 40 13.62 -23.55 4.42
C ALA B 40 12.28 -23.58 3.69
N ALA B 41 12.21 -24.16 2.50
CA ALA B 41 10.93 -24.26 1.79
C ALA B 41 9.98 -25.22 2.51
N ILE B 42 10.54 -26.25 3.11
CA ILE B 42 9.74 -27.21 3.88
C ILE B 42 9.16 -26.52 5.11
N VAL B 43 10.01 -25.80 5.85
CA VAL B 43 9.61 -25.05 7.04
C VAL B 43 8.52 -24.03 6.69
N LEU B 44 8.75 -23.27 5.64
CA LEU B 44 7.77 -22.24 5.27
C LEU B 44 6.45 -22.87 4.78
N SER B 45 6.53 -23.92 3.95
CA SER B 45 5.34 -24.60 3.42
C SER B 45 4.49 -25.15 4.57
N LYS B 46 5.13 -25.81 5.53
CA LYS B 46 4.40 -26.32 6.70
C LYS B 46 3.84 -25.22 7.63
N TYR B 47 4.55 -24.11 7.72
CA TYR B 47 4.12 -22.95 8.49
C TYR B 47 2.80 -22.45 7.96
N LEU B 48 2.63 -22.47 6.63
CA LEU B 48 1.39 -21.97 5.99
C LEU B 48 0.15 -22.78 6.38
N GLU B 49 0.37 -24.04 6.73
CA GLU B 49 -0.70 -24.92 7.15
C GLU B 49 -0.91 -24.96 8.66
N THR B 50 -0.11 -24.23 9.43
CA THR B 50 -0.32 -24.18 10.88
C THR B 50 -1.71 -23.59 11.20
N PRO B 51 -2.33 -24.06 12.30
CA PRO B 51 -3.68 -23.54 12.60
C PRO B 51 -3.69 -22.03 12.83
N GLU B 52 -2.66 -21.49 13.48
CA GLU B 52 -2.64 -20.06 13.75
C GLU B 52 -2.46 -19.25 12.47
N PHE B 53 -1.57 -19.68 11.57
CA PHE B 53 -1.46 -18.99 10.27
C PHE B 53 -2.75 -19.12 9.45
N SER B 54 -3.35 -20.30 9.44
CA SER B 54 -4.50 -20.55 8.55
C SER B 54 -5.69 -19.67 8.95
N GLY B 55 -5.89 -19.55 10.26
CA GLY B 55 -6.95 -18.71 10.81
C GLY B 55 -8.30 -19.42 10.79
N ASP B 56 -9.33 -18.64 11.07
CA ASP B 56 -10.69 -19.16 11.06
C ASP B 56 -11.31 -19.04 9.68
N GLY B 57 -12.36 -19.82 9.44
CA GLY B 57 -13.08 -19.75 8.19
C GLY B 57 -12.21 -20.26 7.07
N ALA B 58 -12.30 -19.61 5.91
CA ALA B 58 -11.42 -19.94 4.78
C ALA B 58 -9.97 -19.61 5.15
N HIS B 59 -9.03 -20.43 4.66
CA HIS B 59 -7.62 -20.26 4.95
C HIS B 59 -7.20 -18.82 4.61
N ALA B 60 -6.31 -18.25 5.41
CA ALA B 60 -5.75 -16.91 5.16
C ALA B 60 -5.33 -16.65 3.72
N LEU B 61 -4.85 -17.67 3.03
CA LEU B 61 -4.39 -17.51 1.64
C LEU B 61 -5.50 -17.64 0.58
N SER B 62 -6.68 -18.11 0.97
CA SER B 62 -7.74 -18.40 0.02
C SER B 62 -8.17 -17.12 -0.71
N ARG B 63 -8.17 -17.18 -2.03
CA ARG B 63 -8.51 -16.05 -2.88
C ARG B 63 -7.56 -14.86 -2.79
N ARG B 64 -6.38 -15.06 -2.23
CA ARG B 64 -5.41 -13.98 -2.09
C ARG B 64 -4.35 -14.15 -3.18
N SER B 65 -3.77 -13.04 -3.59
CA SER B 65 -2.73 -13.04 -4.61
C SER B 65 -1.39 -13.27 -3.91
N VAL B 66 -0.62 -14.21 -4.44
CA VAL B 66 0.66 -14.60 -3.86
C VAL B 66 1.70 -14.59 -4.95
N LEU B 67 2.82 -13.92 -4.70
CA LEU B 67 3.99 -13.99 -5.57
C LEU B 67 5.07 -14.69 -4.79
N GLU B 68 5.67 -15.71 -5.38
CA GLU B 68 6.89 -16.30 -4.83
C GLU B 68 8.10 -15.93 -5.68
N LEU B 69 9.13 -15.54 -4.97
CA LEU B 69 10.43 -15.24 -5.56
C LEU B 69 11.37 -16.38 -5.27
N GLY B 70 12.25 -16.68 -6.22
CA GLY B 70 13.20 -17.76 -6.07
C GLY B 70 12.52 -19.10 -5.78
N SER B 71 11.43 -19.38 -6.50
CA SER B 71 10.59 -20.54 -6.24
C SER B 71 11.31 -21.88 -6.40
N GLY B 72 12.29 -21.96 -7.30
CA GLY B 72 12.99 -23.24 -7.52
C GLY B 72 12.09 -24.35 -8.03
N THR B 73 11.82 -25.35 -7.21
CA THR B 73 10.90 -26.42 -7.59
C THR B 73 9.44 -25.92 -7.61
N GLY B 74 9.21 -24.82 -6.92
CA GLY B 74 7.85 -24.26 -6.76
C GLY B 74 7.15 -24.71 -5.50
N ALA B 75 7.88 -25.38 -4.60
CA ALA B 75 7.32 -25.97 -3.39
C ALA B 75 6.37 -25.05 -2.61
N VAL B 76 6.85 -23.86 -2.25
CA VAL B 76 6.07 -23.02 -1.35
C VAL B 76 4.87 -22.45 -2.12
N GLY B 77 5.08 -21.97 -3.33
CA GLY B 77 3.96 -21.41 -4.10
C GLY B 77 2.92 -22.46 -4.41
N LEU B 78 3.37 -23.68 -4.66
CA LEU B 78 2.43 -24.77 -4.91
C LEU B 78 1.63 -25.07 -3.64
N MET B 79 2.29 -25.07 -2.49
CA MET B 79 1.55 -25.22 -1.22
C MET B 79 0.47 -24.15 -1.15
N ALA B 80 0.82 -22.90 -1.44
CA ALA B 80 -0.16 -21.81 -1.35
C ALA B 80 -1.33 -22.02 -2.31
N ALA B 81 -1.07 -22.49 -3.52
CA ALA B 81 -2.11 -22.73 -4.49
C ALA B 81 -3.05 -23.84 -4.06
N THR B 82 -2.54 -24.79 -3.29
CA THR B 82 -3.39 -25.86 -2.74
C THR B 82 -4.21 -25.35 -1.56
N LEU B 83 -3.91 -24.15 -1.08
CA LEU B 83 -4.65 -23.54 0.03
C LEU B 83 -5.63 -22.46 -0.46
N GLY B 84 -5.77 -22.33 -1.78
CA GLY B 84 -6.73 -21.46 -2.43
C GLY B 84 -6.20 -20.15 -2.99
N ALA B 85 -4.90 -19.92 -2.89
CA ALA B 85 -4.31 -18.68 -3.41
C ALA B 85 -4.20 -18.68 -4.93
N ASP B 86 -4.19 -17.48 -5.49
CA ASP B 86 -3.84 -17.26 -6.90
C ASP B 86 -2.38 -16.89 -6.90
N VAL B 87 -1.57 -17.86 -7.31
CA VAL B 87 -0.15 -17.80 -7.14
C VAL B 87 0.58 -17.61 -8.47
N VAL B 88 1.61 -16.78 -8.44
CA VAL B 88 2.62 -16.73 -9.49
C VAL B 88 3.95 -17.18 -8.86
N VAL B 89 4.47 -18.30 -9.36
CA VAL B 89 5.79 -18.76 -9.00
C VAL B 89 6.82 -18.22 -10.02
N THR B 90 7.90 -17.64 -9.51
CA THR B 90 8.91 -17.02 -10.35
C THR B 90 10.27 -17.48 -10.00
N ASP B 91 11.15 -17.45 -11.00
CA ASP B 91 12.57 -17.77 -10.83
C ASP B 91 13.23 -17.33 -12.13
N LEU B 92 14.48 -17.76 -12.32
CA LEU B 92 15.20 -17.56 -13.57
C LEU B 92 14.62 -18.34 -14.73
N GLU B 93 14.99 -17.92 -15.95
CA GLU B 93 14.58 -18.62 -17.15
C GLU B 93 14.84 -20.12 -17.06
N GLU B 94 15.99 -20.46 -16.49
CA GLU B 94 16.47 -21.84 -16.40
C GLU B 94 15.61 -22.77 -15.58
N LEU B 95 14.79 -22.22 -14.68
CA LEU B 95 13.90 -23.02 -13.84
C LEU B 95 12.47 -23.12 -14.37
N GLN B 96 12.16 -22.48 -15.51
CA GLN B 96 10.78 -22.43 -15.95
C GLN B 96 10.23 -23.81 -16.29
N ASP B 97 11.02 -24.66 -16.95
CA ASP B 97 10.53 -26.00 -17.29
C ASP B 97 10.18 -26.82 -16.04
N LEU B 98 11.02 -26.74 -15.01
CA LEU B 98 10.82 -27.47 -13.75
C LEU B 98 9.54 -26.99 -13.04
N LEU B 99 9.38 -25.67 -12.99
CA LEU B 99 8.19 -25.07 -12.38
C LEU B 99 6.91 -25.53 -13.07
N LYS B 100 6.94 -25.54 -14.40
CA LYS B 100 5.78 -25.96 -15.18
C LYS B 100 5.50 -27.44 -15.01
N MET B 101 6.58 -28.23 -14.90
CA MET B 101 6.45 -29.66 -14.64
CA MET B 101 6.47 -29.65 -14.63
C MET B 101 5.80 -29.86 -13.28
N ASN B 102 6.27 -29.15 -12.27
CA ASN B 102 5.67 -29.31 -10.94
C ASN B 102 4.23 -28.75 -10.82
N ILE B 103 3.93 -27.71 -11.58
CA ILE B 103 2.52 -27.29 -11.67
C ILE B 103 1.69 -28.46 -12.25
N ASN B 104 2.16 -29.06 -13.33
CA ASN B 104 1.41 -30.18 -13.92
C ASN B 104 1.27 -31.38 -13.00
N MET B 105 2.34 -31.69 -12.26
CA MET B 105 2.33 -32.80 -11.31
C MET B 105 1.34 -32.64 -10.16
N ASN B 106 1.00 -31.39 -9.83
CA ASN B 106 0.22 -31.10 -8.63
C ASN B 106 -1.07 -30.35 -8.88
N LYS B 107 -1.43 -30.19 -10.16
CA LYS B 107 -2.57 -29.36 -10.53
C LYS B 107 -3.88 -29.92 -10.01
N HIS B 108 -3.97 -31.22 -9.80
CA HIS B 108 -5.16 -31.84 -9.23
C HIS B 108 -5.40 -31.43 -7.75
N LEU B 109 -4.42 -30.80 -7.10
CA LEU B 109 -4.61 -30.31 -5.72
C LEU B 109 -4.82 -28.79 -5.65
N VAL B 110 -4.67 -28.12 -6.78
CA VAL B 110 -4.72 -26.65 -6.79
C VAL B 110 -6.18 -26.18 -6.69
N THR B 111 -6.50 -25.46 -5.63
CA THR B 111 -7.85 -24.93 -5.45
C THR B 111 -7.93 -23.47 -5.82
N GLY B 112 -6.79 -22.80 -5.84
CA GLY B 112 -6.68 -21.44 -6.38
C GLY B 112 -6.23 -21.48 -7.82
N SER B 113 -5.04 -20.94 -8.08
CA SER B 113 -4.44 -21.00 -9.39
C SER B 113 -2.93 -20.87 -9.26
N VAL B 114 -2.21 -21.34 -10.26
CA VAL B 114 -0.77 -21.20 -10.23
C VAL B 114 -0.25 -21.11 -11.66
N GLN B 115 0.69 -20.21 -11.84
CA GLN B 115 1.35 -20.04 -13.12
C GLN B 115 2.79 -19.65 -12.87
N ALA B 116 3.69 -20.04 -13.78
CA ALA B 116 5.10 -19.73 -13.67
C ALA B 116 5.47 -18.52 -14.52
N LYS B 117 6.37 -17.67 -14.01
CA LYS B 117 6.93 -16.58 -14.79
C LYS B 117 8.40 -16.41 -14.49
N VAL B 118 9.12 -15.81 -15.44
CA VAL B 118 10.49 -15.40 -15.19
C VAL B 118 10.46 -14.09 -14.40
N LEU B 119 11.22 -14.02 -13.33
CA LEU B 119 11.47 -12.77 -12.61
C LEU B 119 12.86 -12.83 -12.04
N LYS B 120 13.78 -12.18 -12.74
CA LYS B 120 15.16 -12.13 -12.28
C LYS B 120 15.30 -10.90 -11.40
N TRP B 121 15.85 -11.10 -10.19
CA TRP B 121 15.89 -10.04 -9.19
C TRP B 121 16.56 -8.77 -9.71
N GLY B 122 15.89 -7.66 -9.45
CA GLY B 122 16.40 -6.33 -9.71
C GLY B 122 15.99 -5.85 -11.08
N GLU B 123 15.45 -6.73 -11.92
CA GLU B 123 15.11 -6.34 -13.29
C GLU B 123 13.80 -5.56 -13.32
N GLU B 124 13.58 -4.89 -14.45
CA GLU B 124 12.39 -4.06 -14.61
C GLU B 124 11.15 -4.95 -14.55
N ILE B 125 10.16 -4.56 -13.75
CA ILE B 125 8.95 -5.37 -13.59
C ILE B 125 7.95 -5.08 -14.72
N GLU B 126 7.42 -6.14 -15.33
CA GLU B 126 6.48 -6.01 -16.46
C GLU B 126 5.05 -5.78 -15.96
N PRO B 129 1.46 -6.06 -12.16
CA PRO B 129 1.29 -4.63 -11.92
C PRO B 129 0.67 -4.30 -10.55
N SER B 130 -0.47 -4.91 -10.23
CA SER B 130 -1.13 -4.67 -8.94
C SER B 130 -0.29 -5.29 -7.81
N PRO B 131 -0.23 -4.64 -6.62
CA PRO B 131 0.59 -5.25 -5.56
C PRO B 131 -0.05 -6.52 -5.01
N PRO B 132 0.75 -7.55 -4.73
CA PRO B 132 0.15 -8.79 -4.26
C PRO B 132 -0.23 -8.69 -2.80
N ASP B 133 -1.11 -9.58 -2.37
CA ASP B 133 -1.44 -9.72 -0.97
C ASP B 133 -0.27 -10.30 -0.16
N PHE B 134 0.44 -11.23 -0.78
CA PHE B 134 1.60 -11.85 -0.16
C PHE B 134 2.75 -12.00 -1.14
N ILE B 135 3.95 -11.85 -0.60
CA ILE B 135 5.17 -12.25 -1.29
C ILE B 135 5.85 -13.26 -0.38
N LEU B 136 6.17 -14.41 -0.94
CA LEU B 136 6.79 -15.49 -0.19
C LEU B 136 8.19 -15.75 -0.75
N MET B 137 9.13 -16.03 0.15
CA MET B 137 10.52 -16.27 -0.20
C MET B 137 11.05 -17.35 0.74
N ALA B 138 11.65 -18.39 0.18
CA ALA B 138 12.33 -19.42 0.94
C ALA B 138 13.76 -19.56 0.46
N ASP B 139 14.67 -19.31 1.40
CA ASP B 139 16.12 -19.41 1.18
C ASP B 139 16.60 -18.59 0.00
N CYS B 140 16.19 -17.34 -0.03
CA CYS B 140 16.60 -16.44 -1.09
C CYS B 140 17.76 -15.53 -0.64
N ILE B 141 18.25 -15.73 0.58
CA ILE B 141 19.23 -14.82 1.20
CA ILE B 141 19.22 -14.82 1.19
C ILE B 141 20.56 -15.55 1.32
N TYR B 142 21.37 -15.46 0.28
CA TYR B 142 22.61 -16.24 0.28
C TYR B 142 23.75 -15.77 -0.61
N TYR B 143 23.53 -14.79 -1.48
CA TYR B 143 24.62 -14.23 -2.27
C TYR B 143 24.36 -12.77 -2.64
N GLU B 144 25.25 -12.22 -3.46
CA GLU B 144 25.21 -10.82 -3.86
C GLU B 144 23.84 -10.32 -4.37
N GLU B 145 23.18 -11.12 -5.20
CA GLU B 145 21.86 -10.73 -5.77
C GLU B 145 20.72 -10.67 -4.74
N SER B 146 20.91 -11.36 -3.61
CA SER B 146 19.97 -11.32 -2.46
C SER B 146 19.92 -9.94 -1.77
N LEU B 147 20.86 -9.07 -2.11
CA LEU B 147 20.96 -7.77 -1.50
C LEU B 147 20.23 -6.74 -2.34
N GLU B 148 20.91 -5.71 -2.87
CA GLU B 148 20.19 -4.64 -3.58
C GLU B 148 19.22 -5.13 -4.67
N PRO B 149 19.58 -6.16 -5.46
CA PRO B 149 18.65 -6.51 -6.54
C PRO B 149 17.34 -7.12 -6.02
N LEU B 150 17.44 -8.11 -5.16
CA LEU B 150 16.25 -8.67 -4.51
C LEU B 150 15.42 -7.56 -3.81
N LEU B 151 16.10 -6.70 -3.06
CA LEU B 151 15.41 -5.64 -2.30
C LEU B 151 14.73 -4.67 -3.23
N LYS B 152 15.33 -4.38 -4.37
CA LYS B 152 14.70 -3.56 -5.38
C LYS B 152 13.44 -4.22 -5.91
N THR B 153 13.49 -5.52 -6.16
CA THR B 153 12.30 -6.24 -6.60
C THR B 153 11.22 -6.14 -5.53
N LEU B 154 11.59 -6.37 -4.28
CA LEU B 154 10.64 -6.31 -3.18
C LEU B 154 9.97 -4.94 -3.10
N LYS B 155 10.77 -3.90 -3.17
CA LYS B 155 10.27 -2.51 -3.20
C LYS B 155 9.36 -2.24 -4.40
N ASP B 156 9.80 -2.62 -5.59
CA ASP B 156 9.05 -2.38 -6.83
C ASP B 156 7.69 -3.08 -6.88
N ILE B 157 7.57 -4.26 -6.26
CA ILE B 157 6.37 -5.11 -6.36
CA ILE B 157 6.34 -5.06 -6.39
C ILE B 157 5.40 -4.90 -5.19
N SER B 158 5.95 -4.72 -4.00
CA SER B 158 5.10 -4.72 -2.82
C SER B 158 4.34 -3.39 -2.71
N GLY B 159 3.16 -3.45 -2.09
CA GLY B 159 2.46 -2.25 -1.71
C GLY B 159 2.43 -2.20 -0.21
N PHE B 160 1.78 -1.19 0.34
CA PHE B 160 1.77 -0.99 1.78
C PHE B 160 0.99 -2.08 2.52
N GLU B 161 0.10 -2.77 1.83
CA GLU B 161 -0.67 -3.87 2.46
C GLU B 161 -0.11 -5.27 2.13
N THR B 162 0.99 -5.35 1.38
CA THR B 162 1.58 -6.66 1.07
C THR B 162 2.24 -7.23 2.31
N CYS B 163 1.89 -8.48 2.63
CA CYS B 163 2.55 -9.23 3.66
C CYS B 163 3.69 -10.05 3.03
N ILE B 164 4.92 -9.71 3.37
CA ILE B 164 6.09 -10.43 2.85
C ILE B 164 6.57 -11.39 3.92
N ILE B 165 6.69 -12.67 3.56
CA ILE B 165 7.16 -13.68 4.49
C ILE B 165 8.42 -14.28 3.91
N CYS B 166 9.49 -14.17 4.68
CA CYS B 166 10.81 -14.53 4.26
C CYS B 166 11.37 -15.60 5.20
N CYS B 167 11.59 -16.81 4.69
CA CYS B 167 12.09 -17.92 5.49
C CYS B 167 13.47 -18.26 4.99
N TYR B 168 14.44 -18.31 5.88
CA TYR B 168 15.82 -18.61 5.44
C TYR B 168 16.56 -19.40 6.48
N GLU B 169 17.54 -20.18 6.03
CA GLU B 169 18.39 -20.92 6.93
C GLU B 169 19.63 -20.08 7.20
N GLN B 170 19.91 -19.87 8.48
CA GLN B 170 21.09 -19.10 8.88
C GLN B 170 22.32 -20.00 8.68
N ARG B 171 23.32 -19.49 7.97
CA ARG B 171 24.53 -20.24 7.67
CA ARG B 171 24.53 -20.23 7.66
C ARG B 171 25.77 -19.46 8.13
N THR B 172 26.69 -20.16 8.78
CA THR B 172 27.93 -19.57 9.34
C THR B 172 29.12 -19.67 8.38
N MET B 173 29.11 -20.72 7.57
CA MET B 173 30.06 -20.93 6.46
C MET B 173 30.20 -19.75 5.48
N GLY B 174 31.41 -19.56 4.95
CA GLY B 174 31.67 -18.64 3.83
C GLY B 174 31.19 -17.20 3.99
N LYS B 175 30.72 -16.61 2.90
CA LYS B 175 30.24 -15.21 2.89
C LYS B 175 28.86 -15.02 3.54
N ASN B 176 28.19 -16.11 3.89
CA ASN B 176 26.77 -16.03 4.31
C ASN B 176 26.47 -15.12 5.51
N PRO B 177 27.31 -15.14 6.57
CA PRO B 177 27.09 -14.20 7.67
C PRO B 177 27.12 -12.72 7.24
N GLU B 178 28.04 -12.35 6.36
CA GLU B 178 28.11 -10.97 5.85
C GLU B 178 26.87 -10.63 5.01
N ILE B 179 26.44 -11.57 4.21
CA ILE B 179 25.28 -11.32 3.34
C ILE B 179 24.03 -11.16 4.18
N GLU B 180 23.82 -12.07 5.14
CA GLU B 180 22.64 -12.01 6.02
C GLU B 180 22.63 -10.68 6.77
N LYS B 181 23.78 -10.28 7.30
CA LYS B 181 23.91 -9.02 8.02
C LYS B 181 23.56 -7.81 7.15
N LYS B 182 24.16 -7.73 5.97
CA LYS B 182 23.89 -6.60 5.09
C LYS B 182 22.43 -6.59 4.60
N TYR B 183 21.86 -7.76 4.39
CA TYR B 183 20.45 -7.84 3.98
C TYR B 183 19.55 -7.11 4.97
N PHE B 184 19.69 -7.40 6.25
CA PHE B 184 18.79 -6.81 7.24
C PHE B 184 19.09 -5.32 7.48
N GLU B 185 20.34 -4.93 7.32
CA GLU B 185 20.69 -3.52 7.33
C GLU B 185 20.04 -2.74 6.19
N LEU B 186 20.05 -3.29 4.98
CA LEU B 186 19.42 -2.64 3.85
C LEU B 186 17.90 -2.70 3.97
N LEU B 187 17.40 -3.82 4.46
CA LEU B 187 15.95 -4.01 4.59
C LEU B 187 15.30 -2.94 5.49
N GLN B 188 16.03 -2.55 6.55
CA GLN B 188 15.52 -1.61 7.55
C GLN B 188 15.14 -0.26 7.00
N LEU B 189 15.70 0.12 5.85
CA LEU B 189 15.44 1.45 5.29
C LEU B 189 14.01 1.65 4.84
N ASP B 190 13.51 0.72 4.04
CA ASP B 190 12.18 0.85 3.48
C ASP B 190 11.16 -0.10 4.09
N PHE B 191 11.60 -1.01 4.96
CA PHE B 191 10.70 -2.03 5.51
C PHE B 191 10.81 -2.20 7.01
N ASP B 192 9.67 -2.55 7.62
CA ASP B 192 9.62 -3.01 9.00
C ASP B 192 9.61 -4.54 8.98
N PHE B 193 10.20 -5.16 9.99
CA PHE B 193 10.23 -6.61 10.04
C PHE B 193 10.30 -7.16 11.45
N GLU B 194 9.84 -8.40 11.61
CA GLU B 194 9.84 -9.05 12.89
C GLU B 194 10.03 -10.54 12.71
N LYS B 195 10.84 -11.13 13.57
CA LYS B 195 11.01 -12.56 13.58
C LYS B 195 9.77 -13.23 14.20
N ILE B 196 9.32 -14.31 13.59
CA ILE B 196 8.23 -15.13 14.13
C ILE B 196 8.87 -16.10 15.10
N PRO B 197 8.37 -16.17 16.36
CA PRO B 197 8.98 -17.13 17.27
C PRO B 197 8.94 -18.57 16.76
N LEU B 198 9.97 -19.33 17.08
CA LEU B 198 10.08 -20.74 16.70
C LEU B 198 8.87 -21.56 17.11
N GLU B 199 8.28 -21.18 18.24
CA GLU B 199 7.12 -21.88 18.79
C GLU B 199 5.91 -21.84 17.85
N LYS B 200 5.87 -20.89 16.94
CA LYS B 200 4.78 -20.78 15.97
C LYS B 200 5.02 -21.58 14.68
N HIS B 201 6.21 -22.16 14.53
CA HIS B 201 6.48 -22.98 13.35
C HIS B 201 5.81 -24.31 13.55
N ASP B 202 5.63 -25.05 12.48
CA ASP B 202 5.14 -26.42 12.59
C ASP B 202 6.00 -27.19 13.62
N GLU B 203 5.36 -27.93 14.52
CA GLU B 203 6.07 -28.58 15.62
C GLU B 203 7.19 -29.49 15.15
N GLU B 204 6.98 -30.15 14.02
CA GLU B 204 7.96 -31.11 13.52
C GLU B 204 8.93 -30.44 12.56
N TYR B 205 8.39 -29.68 11.62
CA TYR B 205 9.17 -29.06 10.56
C TYR B 205 9.65 -27.69 10.93
N ARG B 206 10.65 -27.67 11.81
CA ARG B 206 11.25 -26.46 12.30
C ARG B 206 12.69 -26.70 12.70
N SER B 207 13.43 -25.62 12.83
CA SER B 207 14.83 -25.63 13.25
C SER B 207 15.21 -24.29 13.88
N GLU B 208 16.04 -24.33 14.92
CA GLU B 208 16.55 -23.11 15.53
C GLU B 208 17.38 -22.28 14.56
N ASP B 209 17.88 -22.91 13.50
CA ASP B 209 18.68 -22.23 12.48
C ASP B 209 17.86 -21.78 11.26
N ILE B 210 16.54 -21.99 11.28
CA ILE B 210 15.70 -21.58 10.14
C ILE B 210 14.70 -20.58 10.68
N HIS B 211 14.77 -19.35 10.17
CA HIS B 211 13.95 -18.25 10.66
C HIS B 211 12.87 -17.86 9.67
N ILE B 212 11.73 -17.45 10.21
CA ILE B 212 10.66 -16.85 9.44
C ILE B 212 10.52 -15.40 9.87
N ILE B 213 10.67 -14.52 8.90
CA ILE B 213 10.60 -13.08 9.11
C ILE B 213 9.35 -12.52 8.40
N TYR B 214 8.49 -11.81 9.13
CA TYR B 214 7.43 -11.01 8.49
C TYR B 214 7.96 -9.64 8.14
N ILE B 215 7.69 -9.21 6.93
CA ILE B 215 8.22 -7.97 6.41
C ILE B 215 7.08 -7.16 5.84
N ARG B 216 7.07 -5.86 6.14
CA ARG B 216 6.06 -4.94 5.63
C ARG B 216 6.66 -3.61 5.21
N LYS B 217 6.25 -3.10 4.06
CA LYS B 217 6.77 -1.85 3.53
C LYS B 217 6.35 -0.70 4.44
N LYS B 218 7.32 0.14 4.80
CA LYS B 218 7.02 1.36 5.55
C LYS B 218 6.17 2.28 4.67
N LYS B 219 5.08 2.81 5.26
CA LYS B 219 4.21 3.75 4.55
C LYS B 219 4.48 5.18 4.98
N SER B 220 5.23 5.93 4.15
CA SER B 220 5.39 7.36 4.36
C SER B 220 4.06 8.04 4.14
N LYS B 221 3.81 9.12 4.87
CA LYS B 221 2.63 9.93 4.66
C LYS B 221 2.69 10.62 3.31
N PHE B 222 3.90 10.74 2.76
CA PHE B 222 4.16 11.47 1.51
C PHE B 222 5.01 10.62 0.56
N PRO B 223 4.42 9.52 0.04
CA PRO B 223 5.17 8.68 -0.91
C PRO B 223 5.23 9.29 -2.31
N GLY C 1 30.37 -8.25 -9.07
CA GLY C 1 29.65 -7.16 -8.37
C GLY C 1 28.17 -7.43 -8.49
N SER C 2 27.35 -6.41 -8.23
CA SER C 2 25.90 -6.52 -8.41
C SER C 2 25.52 -6.62 -9.88
N SER C 3 24.37 -7.24 -10.17
CA SER C 3 23.78 -7.16 -11.51
C SER C 3 23.35 -5.73 -11.86
N LEU C 4 23.10 -4.91 -10.84
CA LEU C 4 22.66 -3.53 -11.03
C LEU C 4 23.85 -2.60 -11.25
N GLU C 5 23.78 -1.72 -12.24
CA GLU C 5 24.86 -0.73 -12.47
C GLU C 5 25.09 0.22 -11.30
N ASP C 6 24.02 0.73 -10.70
CA ASP C 6 24.14 1.61 -9.54
C ASP C 6 23.26 1.02 -8.43
N PRO C 7 23.81 0.06 -7.67
CA PRO C 7 23.01 -0.73 -6.72
C PRO C 7 22.23 0.04 -5.64
N LEU C 8 22.72 1.23 -5.25
CA LEU C 8 22.06 2.01 -4.19
C LEU C 8 21.09 3.07 -4.69
N ARG C 9 20.89 3.13 -6.00
CA ARG C 9 19.97 4.07 -6.60
C ARG C 9 18.58 3.95 -6.03
N SER C 10 18.13 2.74 -5.71
CA SER C 10 16.74 2.59 -5.25
C SER C 10 16.55 3.02 -3.78
N PHE C 11 17.66 3.31 -3.11
CA PHE C 11 17.66 3.83 -1.74
C PHE C 11 17.78 5.35 -1.69
N VAL C 12 17.67 6.01 -2.84
CA VAL C 12 17.64 7.48 -2.87
C VAL C 12 16.20 7.93 -2.70
N ARG C 13 15.96 8.86 -1.77
CA ARG C 13 14.64 9.47 -1.58
C ARG C 13 14.64 10.77 -2.34
N VAL C 14 13.58 11.01 -3.11
CA VAL C 14 13.48 12.20 -3.93
C VAL C 14 12.45 13.15 -3.32
N LEU C 15 12.82 14.42 -3.19
CA LEU C 15 11.91 15.45 -2.67
C LEU C 15 11.78 16.56 -3.69
N GLU C 16 10.56 16.81 -4.13
CA GLU C 16 10.29 17.84 -5.12
C GLU C 16 10.15 19.22 -4.47
N LYS C 17 10.91 20.19 -4.97
CA LYS C 17 10.76 21.57 -4.59
C LYS C 17 9.52 22.21 -5.24
N ARG C 18 9.11 23.37 -4.72
CA ARG C 18 7.96 24.09 -5.26
C ARG C 18 8.11 24.36 -6.77
N ASP C 19 9.33 24.66 -7.21
CA ASP C 19 9.59 25.00 -8.61
C ASP C 19 9.70 23.77 -9.52
N GLY C 20 9.51 22.57 -8.94
CA GLY C 20 9.49 21.34 -9.68
C GLY C 20 10.79 20.59 -9.66
N THR C 21 11.90 21.28 -9.37
CA THR C 21 13.23 20.64 -9.34
C THR C 21 13.29 19.64 -8.18
N VAL C 22 14.18 18.64 -8.29
CA VAL C 22 14.21 17.57 -7.30
C VAL C 22 15.49 17.51 -6.50
N LEU C 23 15.31 17.35 -5.19
CA LEU C 23 16.38 17.03 -4.29
C LEU C 23 16.49 15.51 -4.19
N ARG C 24 17.72 15.03 -4.18
CA ARG C 24 17.99 13.60 -4.08
C ARG C 24 18.79 13.30 -2.83
N LEU C 25 18.22 12.47 -1.97
CA LEU C 25 18.84 12.13 -0.69
C LEU C 25 19.12 10.65 -0.63
N GLN C 26 20.39 10.29 -0.75
CA GLN C 26 20.82 8.93 -0.49
C GLN C 26 20.60 8.62 0.97
N GLN C 27 20.15 7.41 1.25
CA GLN C 27 19.83 6.96 2.61
C GLN C 27 20.72 5.81 3.13
N TYR C 28 21.55 5.24 2.25
CA TYR C 28 22.57 4.27 2.66
C TYR C 28 23.95 4.78 2.26
N SER C 29 24.92 4.73 3.18
CA SER C 29 26.30 5.13 2.82
C SER C 29 27.22 3.92 2.69
N SER C 30 27.21 3.04 3.69
CA SER C 30 28.06 1.86 3.69
C SER C 30 27.60 0.88 4.76
N VAL C 33 25.85 1.82 7.70
CA VAL C 33 25.26 3.07 8.20
C VAL C 33 24.23 3.64 7.23
N GLY C 34 22.98 3.64 7.68
CA GLY C 34 21.87 4.21 6.92
C GLY C 34 21.16 5.26 7.74
N CYS C 35 20.55 6.22 7.04
CA CYS C 35 19.66 7.18 7.65
C CYS C 35 18.59 7.49 6.63
N VAL C 36 17.35 7.20 6.97
CA VAL C 36 16.23 7.56 6.09
C VAL C 36 15.88 9.04 6.23
N VAL C 37 15.17 9.52 5.22
CA VAL C 37 14.48 10.81 5.28
C VAL C 37 13.19 10.60 6.05
N TRP C 38 13.08 11.20 7.23
CA TRP C 38 11.89 11.10 8.04
C TRP C 38 10.78 12.03 7.56
N ASP C 39 9.55 11.64 7.80
CA ASP C 39 8.41 12.46 7.40
C ASP C 39 8.48 13.89 7.96
N ALA C 40 8.95 14.04 9.19
CA ALA C 40 9.16 15.37 9.77
C ALA C 40 10.11 16.25 8.94
N ALA C 41 11.17 15.66 8.41
CA ALA C 41 12.09 16.40 7.56
C ALA C 41 11.39 16.91 6.32
N ILE C 42 10.44 16.13 5.82
CA ILE C 42 9.71 16.52 4.60
C ILE C 42 8.75 17.67 4.91
N VAL C 43 7.99 17.52 6.00
CA VAL C 43 7.11 18.59 6.48
C VAL C 43 7.89 19.90 6.68
N LEU C 44 8.99 19.85 7.42
CA LEU C 44 9.76 21.06 7.70
C LEU C 44 10.38 21.64 6.43
N SER C 45 10.90 20.77 5.56
CA SER C 45 11.47 21.23 4.28
C SER C 45 10.45 21.98 3.43
N LYS C 46 9.24 21.44 3.33
CA LYS C 46 8.18 22.04 2.53
C LYS C 46 7.61 23.28 3.23
N TYR C 47 7.63 23.29 4.56
CA TYR C 47 7.22 24.49 5.31
C TYR C 47 8.11 25.69 4.93
N LEU C 48 9.42 25.47 4.81
CA LEU C 48 10.35 26.52 4.43
C LEU C 48 10.06 27.16 3.08
N GLU C 49 9.32 26.45 2.23
CA GLU C 49 8.96 26.92 0.92
C GLU C 49 7.61 27.61 0.89
N THR C 50 6.83 27.57 1.97
CA THR C 50 5.49 28.17 1.94
C THR C 50 5.60 29.66 1.71
N PRO C 51 4.62 30.26 1.01
CA PRO C 51 4.67 31.71 0.77
C PRO C 51 4.76 32.50 2.07
N GLU C 52 3.93 32.15 3.05
CA GLU C 52 3.91 32.85 4.33
C GLU C 52 5.27 32.82 5.01
N PHE C 53 5.90 31.64 5.10
CA PHE C 53 7.25 31.58 5.65
C PHE C 53 8.25 32.30 4.76
N SER C 54 8.11 32.14 3.44
CA SER C 54 9.04 32.75 2.49
C SER C 54 9.01 34.27 2.61
N GLY C 55 7.79 34.80 2.75
CA GLY C 55 7.58 36.25 2.86
C GLY C 55 7.62 36.96 1.53
N ASP C 56 7.57 38.30 1.58
CA ASP C 56 7.63 39.14 0.39
C ASP C 56 9.09 39.41 0.00
N GLY C 57 9.30 39.71 -1.28
CA GLY C 57 10.63 39.98 -1.80
C GLY C 57 11.52 38.75 -1.76
N ALA C 58 12.76 38.94 -1.31
CA ALA C 58 13.71 37.84 -1.20
C ALA C 58 13.31 36.90 -0.06
N HIS C 59 13.64 35.62 -0.21
CA HIS C 59 13.22 34.61 0.75
C HIS C 59 13.76 34.89 2.14
N ALA C 60 12.93 34.66 3.16
CA ALA C 60 13.31 34.86 4.56
C ALA C 60 14.69 34.26 4.94
N LEU C 61 15.10 33.18 4.27
CA LEU C 61 16.37 32.50 4.55
C LEU C 61 17.52 33.06 3.73
N SER C 62 17.19 33.87 2.72
CA SER C 62 18.19 34.36 1.78
C SER C 62 19.27 35.17 2.49
N ARG C 63 20.52 34.74 2.33
CA ARG C 63 21.67 35.41 2.95
C ARG C 63 21.72 35.26 4.47
N ARG C 64 20.99 34.30 5.01
CA ARG C 64 20.96 34.06 6.46
C ARG C 64 21.74 32.80 6.81
N SER C 65 22.31 32.78 8.02
CA SER C 65 23.02 31.62 8.53
C SER C 65 22.01 30.63 9.12
N VAL C 66 22.18 29.36 8.75
CA VAL C 66 21.30 28.31 9.22
C VAL C 66 22.16 27.19 9.76
N LEU C 67 21.85 26.71 10.95
CA LEU C 67 22.54 25.54 11.50
C LEU C 67 21.51 24.46 11.67
N GLU C 68 21.77 23.27 11.10
CA GLU C 68 20.88 22.14 11.34
C GLU C 68 21.51 21.15 12.30
N LEU C 69 20.75 20.71 13.29
CA LEU C 69 21.17 19.68 14.21
C LEU C 69 20.52 18.36 13.83
N GLY C 70 21.24 17.26 14.00
CA GLY C 70 20.72 15.94 13.69
C GLY C 70 20.24 15.88 12.25
N SER C 71 21.06 16.38 11.34
CA SER C 71 20.70 16.54 9.93
C SER C 71 20.39 15.24 9.21
N GLY C 72 21.06 14.16 9.58
CA GLY C 72 20.80 12.83 8.99
C GLY C 72 21.25 12.74 7.54
N THR C 73 20.29 12.74 6.63
CA THR C 73 20.60 12.81 5.20
C THR C 73 21.01 14.23 4.78
N GLY C 74 20.61 15.22 5.58
CA GLY C 74 20.83 16.63 5.24
C GLY C 74 19.66 17.29 4.55
N ALA C 75 18.53 16.58 4.43
CA ALA C 75 17.35 17.06 3.71
C ALA C 75 16.93 18.50 4.04
N VAL C 76 16.72 18.80 5.32
CA VAL C 76 16.19 20.12 5.65
C VAL C 76 17.21 21.21 5.37
N GLY C 77 18.45 20.98 5.79
CA GLY C 77 19.52 21.94 5.55
C GLY C 77 19.73 22.16 4.07
N LEU C 78 19.59 21.09 3.30
CA LEU C 78 19.80 21.21 1.84
C LEU C 78 18.70 22.04 1.22
N MET C 79 17.45 21.83 1.64
CA MET C 79 16.36 22.66 1.18
C MET C 79 16.59 24.13 1.47
N ALA C 80 17.05 24.42 2.68
CA ALA C 80 17.36 25.80 3.08
C ALA C 80 18.46 26.41 2.19
N ALA C 81 19.49 25.63 1.88
CA ALA C 81 20.54 26.07 0.98
C ALA C 81 20.03 26.38 -0.43
N THR C 82 18.98 25.68 -0.87
CA THR C 82 18.38 25.99 -2.17
C THR C 82 17.53 27.26 -2.14
N LEU C 83 17.22 27.72 -0.92
CA LEU C 83 16.45 28.95 -0.74
C LEU C 83 17.32 30.14 -0.38
N GLY C 84 18.63 30.00 -0.49
CA GLY C 84 19.54 31.14 -0.34
C GLY C 84 20.32 31.18 0.96
N ALA C 85 20.03 30.26 1.88
CA ALA C 85 20.71 30.26 3.19
C ALA C 85 22.14 29.80 3.10
N ASP C 86 22.96 30.24 4.05
CA ASP C 86 24.30 29.73 4.27
C ASP C 86 24.25 28.71 5.39
N VAL C 87 24.31 27.43 5.03
CA VAL C 87 23.91 26.33 5.90
C VAL C 87 25.08 25.52 6.39
N VAL C 88 25.03 25.12 7.65
CA VAL C 88 25.86 24.05 8.15
C VAL C 88 24.92 22.94 8.60
N VAL C 89 25.06 21.78 7.96
CA VAL C 89 24.36 20.57 8.38
C VAL C 89 25.29 19.79 9.28
N THR C 90 24.77 19.37 10.44
CA THR C 90 25.58 18.68 11.41
C THR C 90 24.94 17.39 11.88
N ASP C 91 25.79 16.46 12.29
CA ASP C 91 25.35 15.18 12.83
C ASP C 91 26.58 14.53 13.46
N LEU C 92 26.46 13.26 13.83
CA LEU C 92 27.57 12.49 14.31
C LEU C 92 28.63 12.32 13.22
N GLU C 93 29.84 11.99 13.66
CA GLU C 93 30.94 11.59 12.79
C GLU C 93 30.51 10.56 11.74
N GLU C 94 29.77 9.54 12.18
CA GLU C 94 29.42 8.44 11.29
C GLU C 94 28.51 8.85 10.11
N LEU C 95 27.87 10.01 10.19
CA LEU C 95 26.98 10.48 9.13
C LEU C 95 27.64 11.47 8.18
N GLN C 96 28.91 11.83 8.40
CA GLN C 96 29.55 12.89 7.60
C GLN C 96 29.67 12.54 6.11
N ASP C 97 30.01 11.29 5.83
CA ASP C 97 30.13 10.85 4.43
C ASP C 97 28.80 10.96 3.70
N LEU C 98 27.73 10.52 4.36
CA LEU C 98 26.38 10.64 3.78
C LEU C 98 25.99 12.08 3.52
N LEU C 99 26.24 12.96 4.50
CA LEU C 99 25.93 14.39 4.33
C LEU C 99 26.68 14.97 3.12
N LYS C 100 27.96 14.65 3.02
CA LYS C 100 28.79 15.17 1.91
C LYS C 100 28.32 14.58 0.55
N MET C 101 27.92 13.32 0.55
CA MET C 101 27.38 12.68 -0.64
C MET C 101 26.12 13.41 -1.10
N ASN C 102 25.26 13.73 -0.14
CA ASN C 102 24.04 14.42 -0.46
C ASN C 102 24.23 15.90 -0.85
N ILE C 103 25.25 16.54 -0.29
CA ILE C 103 25.61 17.89 -0.74
C ILE C 103 25.99 17.85 -2.23
N ASN C 104 26.82 16.88 -2.57
CA ASN C 104 27.32 16.78 -3.96
C ASN C 104 26.17 16.53 -4.95
N MET C 105 25.23 15.67 -4.58
CA MET C 105 24.10 15.38 -5.45
C MET C 105 23.13 16.54 -5.62
N ASN C 106 23.17 17.53 -4.72
CA ASN C 106 22.23 18.66 -4.81
C ASN C 106 22.88 20.04 -4.97
N LYS C 107 24.19 20.06 -5.14
CA LYS C 107 24.93 21.32 -5.17
C LYS C 107 24.51 22.22 -6.30
N HIS C 108 23.97 21.62 -7.37
CA HIS C 108 23.52 22.37 -8.53
C HIS C 108 22.27 23.19 -8.27
N LEU C 109 21.56 22.90 -7.18
CA LEU C 109 20.38 23.67 -6.80
C LEU C 109 20.65 24.67 -5.69
N VAL C 110 21.87 24.66 -5.15
CA VAL C 110 22.21 25.49 -4.02
C VAL C 110 22.39 26.93 -4.51
N THR C 111 21.63 27.85 -3.92
CA THR C 111 21.76 29.28 -4.24
C THR C 111 22.48 30.05 -3.12
N GLY C 112 22.52 29.45 -1.93
CA GLY C 112 23.34 29.99 -0.85
C GLY C 112 24.63 29.22 -0.76
N SER C 113 24.81 28.50 0.36
CA SER C 113 25.94 27.61 0.53
C SER C 113 25.58 26.53 1.56
N VAL C 114 26.30 25.42 1.51
CA VAL C 114 26.12 24.34 2.47
C VAL C 114 27.43 23.60 2.69
N GLN C 115 27.69 23.28 3.95
CA GLN C 115 28.80 22.42 4.33
C GLN C 115 28.42 21.55 5.51
N ALA C 116 29.12 20.43 5.67
CA ALA C 116 28.85 19.47 6.72
C ALA C 116 29.88 19.58 7.82
N LYS C 117 29.44 19.44 9.06
CA LYS C 117 30.34 19.39 10.21
C LYS C 117 29.86 18.39 11.23
N VAL C 118 30.79 17.87 12.02
CA VAL C 118 30.44 17.07 13.17
C VAL C 118 29.94 17.98 14.31
N LEU C 119 28.79 17.63 14.87
CA LEU C 119 28.32 18.22 16.12
C LEU C 119 27.55 17.17 16.91
N LYS C 120 28.25 16.54 17.86
CA LYS C 120 27.65 15.57 18.75
C LYS C 120 27.08 16.35 19.92
N TRP C 121 25.84 16.04 20.29
CA TRP C 121 25.11 16.89 21.22
C TRP C 121 25.75 16.87 22.61
N GLY C 122 25.70 18.01 23.29
CA GLY C 122 26.23 18.15 24.64
C GLY C 122 27.74 18.28 24.78
N GLU C 123 28.44 18.43 23.66
CA GLU C 123 29.90 18.62 23.67
C GLU C 123 30.28 20.09 23.51
N GLU C 124 31.57 20.40 23.68
CA GLU C 124 32.07 21.78 23.59
C GLU C 124 32.10 22.30 22.16
N ILE C 125 31.47 23.46 21.95
CA ILE C 125 31.33 24.04 20.60
C ILE C 125 32.64 24.67 20.11
N GLU C 126 32.70 24.93 18.80
CA GLU C 126 33.88 25.55 18.17
C GLU C 126 33.95 27.04 18.46
N SER C 130 29.94 32.35 16.69
CA SER C 130 28.89 33.35 16.50
C SER C 130 27.54 32.69 16.23
N PRO C 131 26.45 33.22 16.82
CA PRO C 131 25.14 32.55 16.73
C PRO C 131 24.47 32.65 15.36
N PRO C 132 23.87 31.54 14.89
CA PRO C 132 23.20 31.59 13.60
C PRO C 132 21.85 32.29 13.64
N ASP C 133 21.41 32.76 12.49
CA ASP C 133 20.10 33.36 12.34
C ASP C 133 18.99 32.33 12.57
N PHE C 134 19.24 31.08 12.19
CA PHE C 134 18.26 30.02 12.32
C PHE C 134 18.91 28.72 12.81
N ILE C 135 18.18 27.97 13.63
CA ILE C 135 18.56 26.61 13.98
C ILE C 135 17.37 25.70 13.63
N LEU C 136 17.64 24.62 12.89
CA LEU C 136 16.59 23.74 12.41
C LEU C 136 16.81 22.33 12.94
N MET C 137 15.72 21.69 13.33
CA MET C 137 15.75 20.35 13.89
C MET C 137 14.54 19.62 13.40
N ALA C 138 14.76 18.45 12.83
CA ALA C 138 13.69 17.58 12.43
C ALA C 138 13.84 16.19 13.06
N ASP C 139 12.81 15.77 13.80
CA ASP C 139 12.78 14.47 14.47
C ASP C 139 13.99 14.17 15.34
N CYS C 140 14.39 15.14 16.15
CA CYS C 140 15.54 15.01 17.02
C CYS C 140 15.15 14.68 18.46
N ILE C 141 13.86 14.48 18.70
N ILE C 141 13.87 14.37 18.69
CA ILE C 141 13.33 14.16 20.01
CA ILE C 141 13.29 14.40 20.03
C ILE C 141 12.80 12.74 19.97
C ILE C 141 13.30 13.08 20.82
N TYR C 142 13.69 11.80 20.21
N TYR C 142 13.32 11.93 20.15
CA TYR C 142 13.32 10.40 20.24
CA TYR C 142 12.97 10.67 20.82
C TYR C 142 14.07 9.54 21.26
C TYR C 142 14.05 9.63 21.22
N TYR C 143 15.13 10.05 21.88
CA TYR C 143 15.87 9.19 22.83
C TYR C 143 16.71 9.96 23.86
N GLU C 144 17.25 9.24 24.84
CA GLU C 144 17.88 9.85 26.03
C GLU C 144 18.74 11.10 25.75
N GLU C 145 19.59 11.03 24.72
CA GLU C 145 20.48 12.15 24.37
C GLU C 145 19.72 13.36 23.80
N SER C 146 18.54 13.12 23.24
CA SER C 146 17.65 14.19 22.74
C SER C 146 17.21 15.15 23.85
N LEU C 147 17.62 14.87 25.07
CA LEU C 147 17.21 15.67 26.19
C LEU C 147 18.38 16.54 26.62
N GLU C 148 19.05 16.21 27.72
CA GLU C 148 19.99 17.14 28.33
C GLU C 148 21.08 17.60 27.37
N PRO C 149 21.75 16.66 26.69
CA PRO C 149 22.83 17.07 25.78
C PRO C 149 22.38 17.93 24.59
N LEU C 150 21.25 17.56 23.96
CA LEU C 150 20.67 18.35 22.87
C LEU C 150 20.33 19.77 23.36
N LEU C 151 19.59 19.84 24.46
CA LEU C 151 19.14 21.12 25.00
C LEU C 151 20.29 21.98 25.47
N LYS C 152 21.32 21.33 25.99
CA LYS C 152 22.54 22.00 26.36
C LYS C 152 23.20 22.61 25.13
N THR C 153 23.25 21.86 24.03
CA THR C 153 23.83 22.38 22.79
C THR C 153 22.98 23.54 22.25
N LEU C 154 21.66 23.39 22.29
CA LEU C 154 20.75 24.41 21.79
C LEU C 154 20.96 25.73 22.53
N LYS C 155 21.03 25.67 23.86
CA LYS C 155 21.28 26.85 24.69
C LYS C 155 22.67 27.43 24.42
N ASP C 156 23.67 26.55 24.33
CA ASP C 156 25.06 26.96 24.08
C ASP C 156 25.25 27.68 22.75
N ILE C 157 24.60 27.20 21.68
CA ILE C 157 24.81 27.78 20.35
C ILE C 157 23.87 28.93 20.04
N SER C 158 22.63 28.88 20.52
CA SER C 158 21.65 29.89 20.13
C SER C 158 21.96 31.22 20.80
N GLY C 159 21.65 32.29 20.09
CA GLY C 159 21.69 33.64 20.65
C GLY C 159 20.26 34.08 20.84
N PHE C 160 20.08 35.30 21.34
CA PHE C 160 18.73 35.79 21.65
C PHE C 160 17.90 36.09 20.41
N GLU C 161 18.58 36.30 19.28
CA GLU C 161 17.92 36.56 17.99
C GLU C 161 17.81 35.31 17.09
N THR C 162 18.27 34.17 17.56
CA THR C 162 18.17 32.94 16.77
C THR C 162 16.72 32.44 16.71
N CYS C 163 16.22 32.19 15.50
CA CYS C 163 14.92 31.55 15.29
C CYS C 163 15.13 30.03 15.26
N ILE C 164 14.71 29.35 16.30
CA ILE C 164 14.88 27.91 16.40
C ILE C 164 13.58 27.28 15.94
N ILE C 165 13.66 26.37 14.96
CA ILE C 165 12.45 25.71 14.47
C ILE C 165 12.63 24.21 14.60
N CYS C 166 11.70 23.59 15.30
CA CYS C 166 11.78 22.19 15.65
C CYS C 166 10.55 21.50 15.08
N CYS C 167 10.75 20.48 14.26
CA CYS C 167 9.63 19.77 13.70
C CYS C 167 9.74 18.35 14.17
N TYR C 168 8.63 17.73 14.56
CA TYR C 168 8.68 16.34 14.98
C TYR C 168 7.35 15.64 14.79
N GLU C 169 7.43 14.32 14.60
CA GLU C 169 6.27 13.47 14.48
C GLU C 169 5.99 12.92 15.85
N GLN C 170 4.78 13.13 16.34
CA GLN C 170 4.39 12.68 17.67
C GLN C 170 4.21 11.18 17.68
N ARG C 171 4.98 10.49 18.53
CA ARG C 171 4.94 9.04 18.67
CA ARG C 171 4.88 9.04 18.65
C ARG C 171 4.30 8.67 20.00
N THR C 172 3.38 7.71 19.98
CA THR C 172 2.61 7.30 21.17
C THR C 172 3.01 5.93 21.74
N MET C 173 3.80 5.16 20.98
CA MET C 173 4.21 3.83 21.41
C MET C 173 5.37 3.88 22.40
N GLY C 174 5.34 3.00 23.40
CA GLY C 174 6.48 2.73 24.26
C GLY C 174 6.86 3.84 25.24
N LYS C 175 8.17 4.08 25.35
CA LYS C 175 8.70 5.11 26.23
C LYS C 175 8.61 6.52 25.63
N ASN C 176 8.09 6.64 24.40
CA ASN C 176 8.15 7.90 23.65
C ASN C 176 7.41 9.09 24.27
N PRO C 177 6.14 8.90 24.69
CA PRO C 177 5.41 10.00 25.33
C PRO C 177 6.12 10.57 26.57
N GLU C 178 6.78 9.69 27.32
CA GLU C 178 7.57 10.10 28.48
C GLU C 178 8.80 10.90 28.06
N ILE C 179 9.42 10.48 26.95
CA ILE C 179 10.58 11.20 26.39
C ILE C 179 10.14 12.57 25.86
N GLU C 180 8.99 12.63 25.21
CA GLU C 180 8.41 13.88 24.72
C GLU C 180 8.11 14.82 25.87
N LYS C 181 7.43 14.29 26.90
CA LYS C 181 7.11 15.07 28.10
C LYS C 181 8.36 15.72 28.65
N LYS C 182 9.39 14.90 28.89
CA LYS C 182 10.64 15.38 29.46
C LYS C 182 11.32 16.40 28.56
N TYR C 183 11.23 16.22 27.24
CA TYR C 183 11.86 17.19 26.33
C TYR C 183 11.26 18.57 26.57
N PHE C 184 9.95 18.64 26.70
CA PHE C 184 9.28 19.93 26.88
C PHE C 184 9.36 20.49 28.31
N GLU C 185 9.49 19.60 29.31
CA GLU C 185 9.79 20.03 30.70
C GLU C 185 11.14 20.72 30.80
N LEU C 186 12.14 20.19 30.10
CA LEU C 186 13.47 20.80 30.07
C LEU C 186 13.53 22.03 29.17
N LEU C 187 12.87 21.96 28.03
CA LEU C 187 12.89 23.07 27.07
C LEU C 187 12.37 24.39 27.68
N GLN C 188 11.28 24.32 28.45
CA GLN C 188 10.67 25.50 29.08
C GLN C 188 11.62 26.25 30.02
N LEU C 189 12.65 25.56 30.52
CA LEU C 189 13.55 26.17 31.50
C LEU C 189 14.33 27.33 30.89
N ASP C 190 14.86 27.16 29.68
CA ASP C 190 15.67 28.20 29.06
C ASP C 190 15.10 28.76 27.77
N PHE C 191 13.94 28.27 27.34
CA PHE C 191 13.32 28.71 26.10
C PHE C 191 11.84 28.96 26.23
N ASP C 192 11.38 29.90 25.43
CA ASP C 192 9.97 30.07 25.15
C ASP C 192 9.69 29.37 23.82
N PHE C 193 8.49 28.81 23.70
CA PHE C 193 8.13 28.08 22.50
C PHE C 193 6.65 28.11 22.23
N GLU C 194 6.28 28.02 20.96
CA GLU C 194 4.90 27.94 20.56
C GLU C 194 4.77 27.02 19.35
N LYS C 195 3.73 26.20 19.39
CA LYS C 195 3.34 25.37 18.26
C LYS C 195 2.69 26.24 17.20
N ILE C 196 3.08 26.10 15.94
CA ILE C 196 2.44 26.86 14.89
C ILE C 196 1.25 26.07 14.37
N PRO C 197 0.16 26.77 13.98
CA PRO C 197 -1.01 26.06 13.51
C PRO C 197 -0.71 25.18 12.29
N LEU C 198 -1.39 24.05 12.21
CA LEU C 198 -1.31 23.10 11.10
C LEU C 198 -1.61 23.75 9.77
N GLU C 199 -2.44 24.79 9.80
CA GLU C 199 -2.86 25.50 8.60
C GLU C 199 -1.72 26.34 7.99
N LYS C 200 -0.65 26.58 8.75
CA LYS C 200 0.52 27.27 8.22
C LYS C 200 1.51 26.31 7.52
N HIS C 201 1.28 24.99 7.67
CA HIS C 201 2.13 23.98 7.02
C HIS C 201 1.71 23.85 5.54
N ASP C 202 2.60 23.29 4.71
CA ASP C 202 2.29 23.03 3.31
C ASP C 202 1.03 22.19 3.21
N GLU C 203 0.11 22.64 2.36
CA GLU C 203 -1.22 22.05 2.27
C GLU C 203 -1.21 20.56 1.97
N GLU C 204 -0.27 20.13 1.13
CA GLU C 204 -0.13 18.71 0.82
C GLU C 204 0.77 18.00 1.83
N TYR C 205 1.90 18.63 2.17
CA TYR C 205 2.92 17.96 2.98
C TYR C 205 2.76 18.32 4.44
N ARG C 206 1.70 17.80 5.05
CA ARG C 206 1.41 18.04 6.47
C ARG C 206 0.59 16.93 7.06
N SER C 207 0.54 16.89 8.39
CA SER C 207 -0.15 15.83 9.09
C SER C 207 -0.51 16.35 10.49
N GLU C 208 -1.68 15.93 10.98
CA GLU C 208 -2.13 16.26 12.34
C GLU C 208 -1.13 15.76 13.41
N ASP C 209 -0.42 14.68 13.10
CA ASP C 209 0.56 14.08 14.01
C ASP C 209 2.00 14.61 13.86
N ILE C 210 2.23 15.58 12.99
CA ILE C 210 3.55 16.20 12.84
C ILE C 210 3.46 17.68 13.16
N HIS C 211 4.26 18.10 14.14
CA HIS C 211 4.17 19.45 14.71
C HIS C 211 5.40 20.28 14.39
N ILE C 212 5.20 21.57 14.16
CA ILE C 212 6.30 22.52 14.05
C ILE C 212 6.25 23.50 15.24
N ILE C 213 7.38 23.61 15.94
CA ILE C 213 7.52 24.42 17.17
C ILE C 213 8.52 25.55 16.90
N TYR C 214 8.10 26.80 17.10
CA TYR C 214 9.03 27.91 17.09
C TYR C 214 9.59 28.07 18.52
N ILE C 215 10.90 28.12 18.63
CA ILE C 215 11.59 28.15 19.92
C ILE C 215 12.49 29.40 19.96
N ARG C 216 12.54 30.06 21.11
CA ARG C 216 13.37 31.24 21.29
C ARG C 216 14.00 31.25 22.68
N LYS C 217 15.27 31.60 22.74
CA LYS C 217 16.02 31.66 23.98
C LYS C 217 15.46 32.75 24.89
N LYS C 218 15.18 32.39 26.14
CA LYS C 218 14.72 33.34 27.18
C LYS C 218 15.81 34.30 27.58
N LYS C 219 15.39 35.51 27.96
CA LYS C 219 16.24 36.43 28.70
C LYS C 219 15.59 36.69 30.06
N SER C 220 16.18 36.19 31.15
CA SER C 220 15.82 36.61 32.50
C SER C 220 16.35 38.02 32.71
N LYS C 221 15.67 38.77 33.57
CA LYS C 221 16.14 40.07 33.98
C LYS C 221 17.45 39.97 34.79
N PHE C 222 17.75 38.80 35.34
CA PHE C 222 18.91 38.66 36.25
C PHE C 222 19.76 37.42 35.94
N SAM D . -27.70 2.54 -8.72
CA SAM D . -28.73 3.21 -7.92
C SAM D . -30.02 2.41 -7.93
O SAM D . -30.21 1.62 -8.89
OXT SAM D . -30.87 2.54 -7.00
CB SAM D . -28.91 4.62 -8.48
CG SAM D . -29.36 4.61 -9.96
SD SAM D . -29.73 6.14 -10.57
CE SAM D . -31.01 6.02 -11.63
C5' SAM D . -28.42 6.74 -11.43
C4' SAM D . -27.19 7.07 -10.58
O4' SAM D . -26.07 7.32 -11.44
C3' SAM D . -27.38 8.32 -9.73
O3' SAM D . -26.98 8.09 -8.40
C2' SAM D . -26.52 9.37 -10.39
O2' SAM D . -26.04 10.38 -9.48
C1' SAM D . -25.40 8.53 -11.01
N9 SAM D . -24.76 9.23 -12.14
C8 SAM D . -25.40 9.83 -13.16
N7 SAM D . -24.54 10.40 -14.03
C5 SAM D . -23.30 10.16 -13.57
C6 SAM D . -21.94 10.49 -14.03
N6 SAM D . -21.78 11.19 -15.17
N1 SAM D . -20.91 10.06 -13.28
C2 SAM D . -21.12 9.37 -12.14
N3 SAM D . -22.34 9.04 -11.67
C4 SAM D . -23.45 9.40 -12.33
C1 EDO E . -36.80 -10.59 -18.64
O1 EDO E . -36.43 -11.75 -19.39
C2 EDO E . -35.71 -10.32 -17.60
O2 EDO E . -34.49 -10.11 -18.28
UNK UNX F . -15.08 -21.87 -1.59
UNK UNX G . -11.19 -9.33 1.83
UNK UNX H . -12.48 -1.76 -5.68
UNK UNX I . -17.22 17.85 -13.01
UNK UNX J . -20.16 -12.58 -22.07
UNK UNX K . -30.94 -2.44 13.73
UNK UNX L . -30.04 -6.25 -24.56
UNK UNX M . -30.29 10.64 -11.26
UNK UNX N . -37.56 2.15 -9.60
N SAM O . 12.70 -21.55 -2.78
CA SAM O . 13.35 -22.81 -3.12
C SAM O . 13.48 -23.69 -1.90
O SAM O . 13.63 -23.14 -0.76
OXT SAM O . 13.45 -24.93 -2.04
CB SAM O . 14.73 -22.56 -3.76
CG SAM O . 15.77 -21.87 -2.89
SD SAM O . 17.28 -21.79 -3.67
CE SAM O . 18.47 -21.91 -2.55
C5' SAM O . 17.43 -20.27 -4.41
C4' SAM O . 16.53 -20.00 -5.63
O4' SAM O . 16.62 -18.61 -6.02
C3' SAM O . 16.91 -20.85 -6.84
O3' SAM O . 15.77 -21.49 -7.42
C2' SAM O . 17.52 -19.85 -7.80
O2' SAM O . 17.36 -20.19 -9.18
C1' SAM O . 16.77 -18.58 -7.43
N9 SAM O . 17.53 -17.39 -7.78
C8 SAM O . 18.82 -17.16 -7.46
N7 SAM O . 19.23 -15.96 -7.94
C5 SAM O . 18.16 -15.42 -8.53
C6 SAM O . 17.89 -14.15 -9.22
N6 SAM O . 18.93 -13.30 -9.31
N1 SAM O . 16.65 -13.93 -9.70
C2 SAM O . 15.67 -14.85 -9.55
N3 SAM O . 15.84 -16.04 -8.94
C4 SAM O . 17.04 -16.35 -8.43
C1 EDO P . -4.75 -25.92 6.62
O1 EDO P . -5.94 -25.43 5.96
C2 EDO P . -5.01 -27.29 7.23
O2 EDO P . -5.43 -28.22 6.22
UNK UNX Q . 22.80 -22.60 -3.14
UNK UNX R . 5.75 -6.46 10.37
UNK UNX S . 11.69 -3.29 11.97
UNK UNX T . 16.56 -27.12 16.17
UNK UNX U . -9.16 -17.16 -6.39
UNK UNX V . 2.25 -24.66 15.40
UNK UNX W . 0.14 0.23 -5.21
UNK UNX X . -6.86 -10.45 -4.72
UNK UNX Y . 12.31 0.13 -20.00
N SAM Z . 16.71 15.23 10.56
CA SAM Z . 16.67 13.97 9.82
C SAM Z . 15.29 13.68 9.32
O SAM Z . 14.32 14.23 9.90
OXT SAM Z . 15.13 12.90 8.36
CB SAM Z . 17.17 12.80 10.68
CG SAM Z . 16.34 12.50 11.94
SD SAM Z . 16.87 11.15 12.79
CE SAM Z . 15.54 10.38 13.43
C5' SAM Z . 17.83 11.58 14.10
C4' SAM Z . 19.19 12.16 13.72
O4' SAM Z . 19.80 12.74 14.89
C3' SAM Z . 20.12 11.06 13.19
O3' SAM Z . 20.77 11.48 11.99
C2' SAM Z . 21.14 10.88 14.31
O2' SAM Z . 22.46 10.53 13.84
C1' SAM Z . 21.14 12.25 14.99
N9 SAM Z . 21.63 12.15 16.39
C8 SAM Z . 21.21 11.30 17.35
N7 SAM Z . 21.90 11.49 18.50
C5 SAM Z . 22.78 12.49 18.27
C6 SAM Z . 23.81 13.18 19.06
N6 SAM Z . 24.00 12.82 20.35
N1 SAM Z . 24.52 14.17 18.45
C2 SAM Z . 24.31 14.51 17.16
N3 SAM Z . 23.37 13.91 16.39
C4 SAM Z . 22.61 12.91 16.88
UNK UNX AA . 24.90 12.78 -9.63
UNK UNX BA . 8.21 31.67 20.58
UNK UNX CA . -2.43 12.23 8.61
UNK UNX DA . 6.67 28.82 26.38
UNK UNX EA . 29.73 9.66 17.77
#